data_4KP2
#
_entry.id   4KP2
#
_cell.length_a   68.325
_cell.length_b   103.098
_cell.length_c   112.922
_cell.angle_alpha   90.000
_cell.angle_beta   90.000
_cell.angle_gamma   90.000
#
_symmetry.space_group_name_H-M   'P 21 21 21'
#
loop_
_entity.id
_entity.type
_entity.pdbx_description
1 polymer 'Homoaconitase large subunit'
2 water water
#
_entity_poly.entity_id   1
_entity_poly.type   'polypeptide(L)'
_entity_poly.pdbx_seq_one_letter_code
;MGSSHHHHHHSSGLVPRGSHMMTLVEKILSKKVGYEVCAGDSIEVEVDLAMTHDGTTPLAYKALKEMSDSVWNPDKIVVA
FDHNVPPNTVKAAEMQKLALEFVKRFGIKNFHKGGEGICHQILAENYVLPNMFVAGGDSHTCTHGAFGAFATGFGATDMA
YIYATGETWIKVPKTIRVDIVGKNENVSAKDIVLRVCKEIGRRGATYMAIEYGGEVVKNMDMDGRLTLCNMAIEMGGKTG
VIEADEITYDYLKKERGLSDEDIAKLKKERITVNRDEANYYKEIEIDITDMEEQVAVPHHPDNVKPISDVEGTEINQVFI
GSCTNGRLSDLREAAKYLKGREVHKDVKLIVIPASKKVFLQALKEGIIDIFVKAGAMICTPGCGPCLGAHQGVLAEGEIC
LSTTNRNFKGRMGHINSYIYLASPKIAAISAVKGYITNKLD
;
_entity_poly.pdbx_strand_id   A,B
#
# COMPACT_ATOMS: atom_id res chain seq x y z
N MET A 22 26.17 -8.79 3.70
CA MET A 22 25.64 -7.92 2.65
C MET A 22 24.71 -8.70 1.74
N THR A 23 23.44 -8.35 1.76
CA THR A 23 22.43 -9.04 0.96
C THR A 23 22.62 -8.76 -0.52
N LEU A 24 21.88 -9.50 -1.35
CA LEU A 24 21.96 -9.34 -2.79
C LEU A 24 21.48 -7.96 -3.22
N VAL A 25 20.36 -7.53 -2.65
CA VAL A 25 19.81 -6.21 -2.92
C VAL A 25 20.81 -5.11 -2.56
N GLU A 26 21.43 -5.24 -1.38
CA GLU A 26 22.42 -4.28 -0.93
C GLU A 26 23.62 -4.22 -1.88
N LYS A 27 24.01 -5.37 -2.41
CA LYS A 27 25.12 -5.43 -3.35
C LYS A 27 24.77 -4.84 -4.71
N ILE A 28 23.53 -5.05 -5.14
CA ILE A 28 23.07 -4.53 -6.41
C ILE A 28 22.98 -3.00 -6.38
N LEU A 29 22.41 -2.47 -5.30
CA LEU A 29 22.21 -1.03 -5.17
C LEU A 29 23.52 -0.29 -4.93
N SER A 30 24.46 -0.94 -4.24
CA SER A 30 25.74 -0.31 -3.93
C SER A 30 26.59 -0.09 -5.18
N LYS A 31 26.68 -1.11 -6.03
CA LYS A 31 27.42 -1.01 -7.27
C LYS A 31 26.76 0.02 -8.20
N LYS A 32 25.43 0.06 -8.16
CA LYS A 32 24.68 0.97 -9.01
C LYS A 32 24.84 2.43 -8.59
N VAL A 33 25.05 2.65 -7.29
CA VAL A 33 25.15 4.01 -6.76
C VAL A 33 26.60 4.46 -6.61
N GLY A 34 27.52 3.52 -6.44
CA GLY A 34 28.93 3.84 -6.37
C GLY A 34 29.55 3.72 -4.99
N TYR A 35 28.72 3.50 -3.97
CA TYR A 35 29.23 3.36 -2.61
C TYR A 35 28.44 2.34 -1.80
N GLU A 36 29.03 1.87 -0.70
CA GLU A 36 28.42 0.84 0.12
C GLU A 36 27.18 1.35 0.87
N VAL A 37 26.05 0.71 0.63
CA VAL A 37 24.82 1.05 1.33
C VAL A 37 24.26 -0.17 2.06
N CYS A 38 23.29 0.06 2.93
CA CYS A 38 22.64 -1.02 3.66
C CYS A 38 21.16 -0.74 3.83
N ALA A 39 20.45 -1.69 4.44
CA ALA A 39 19.01 -1.57 4.64
C ALA A 39 18.65 -0.40 5.53
N GLY A 40 17.68 0.40 5.09
CA GLY A 40 17.24 1.56 5.83
C GLY A 40 17.72 2.86 5.21
N ASP A 41 18.83 2.79 4.48
CA ASP A 41 19.41 3.96 3.84
C ASP A 41 18.58 4.41 2.64
N SER A 42 18.24 5.69 2.60
CA SER A 42 17.51 6.25 1.46
C SER A 42 18.52 6.82 0.47
N ILE A 43 18.55 6.25 -0.73
CA ILE A 43 19.52 6.66 -1.74
C ILE A 43 18.88 7.11 -3.04
N GLU A 44 19.64 7.83 -3.86
CA GLU A 44 19.17 8.26 -5.16
C GLU A 44 19.76 7.35 -6.23
N VAL A 45 18.89 6.61 -6.92
CA VAL A 45 19.32 5.63 -7.91
C VAL A 45 19.00 6.06 -9.34
N GLU A 46 20.00 6.02 -10.21
CA GLU A 46 19.78 6.25 -11.63
C GLU A 46 19.12 5.03 -12.24
N VAL A 47 18.02 5.24 -12.96
CA VAL A 47 17.25 4.13 -13.51
C VAL A 47 17.81 3.62 -14.83
N ASP A 48 18.01 2.30 -14.91
CA ASP A 48 18.56 1.68 -16.10
C ASP A 48 17.48 1.34 -17.13
N LEU A 49 16.25 1.14 -16.65
CA LEU A 49 15.15 0.75 -17.54
C LEU A 49 13.80 1.21 -16.99
N ALA A 50 13.05 1.95 -17.80
CA ALA A 50 11.74 2.44 -17.41
C ALA A 50 10.66 1.95 -18.37
N MET A 51 9.57 1.43 -17.83
CA MET A 51 8.51 0.84 -18.65
C MET A 51 7.10 1.12 -18.15
N THR A 52 6.22 1.51 -19.06
CA THR A 52 4.80 1.67 -18.76
C THR A 52 3.96 1.03 -19.86
N HIS A 53 2.81 0.47 -19.48
CA HIS A 53 1.94 -0.19 -20.44
C HIS A 53 0.73 0.69 -20.80
N ASP A 54 -0.14 0.15 -21.66
CA ASP A 54 -1.28 0.91 -22.19
C ASP A 54 -2.22 1.44 -21.10
N GLY A 55 -2.16 0.86 -19.92
CA GLY A 55 -2.99 1.28 -18.82
C GLY A 55 -2.35 2.33 -17.94
N THR A 56 -1.02 2.43 -18.02
CA THR A 56 -0.28 3.36 -17.17
C THR A 56 0.53 4.40 -17.95
N THR A 57 0.78 4.12 -19.23
CA THR A 57 1.48 5.07 -20.09
C THR A 57 0.75 6.42 -20.24
N PRO A 58 -0.57 6.39 -20.54
CA PRO A 58 -1.24 7.69 -20.64
C PRO A 58 -1.34 8.39 -19.29
N LEU A 59 -1.38 7.61 -18.22
CA LEU A 59 -1.44 8.14 -16.87
C LEU A 59 -0.12 8.80 -16.49
N ALA A 60 0.98 8.21 -16.96
CA ALA A 60 2.31 8.73 -16.67
C ALA A 60 2.64 9.90 -17.61
N TYR A 61 2.10 9.85 -18.82
CA TYR A 61 2.33 10.92 -19.79
C TYR A 61 1.61 12.19 -19.37
N LYS A 62 0.35 12.06 -18.97
CA LYS A 62 -0.44 13.19 -18.52
C LYS A 62 0.21 13.84 -17.30
N ALA A 63 0.79 13.02 -16.45
CA ALA A 63 1.51 13.51 -15.27
C ALA A 63 2.82 14.17 -15.68
N LEU A 64 3.39 13.70 -16.78
CA LEU A 64 4.66 14.23 -17.28
C LEU A 64 4.45 15.60 -17.92
N LYS A 65 3.26 15.83 -18.45
CA LYS A 65 2.95 17.07 -19.14
C LYS A 65 2.71 18.24 -18.19
N GLU A 66 2.71 17.95 -16.88
CA GLU A 66 2.48 18.98 -15.88
C GLU A 66 3.78 19.51 -15.30
N MET A 67 4.80 18.68 -15.31
CA MET A 67 6.08 19.02 -14.68
C MET A 67 7.21 19.24 -15.69
N SER A 68 7.40 18.27 -16.57
CA SER A 68 8.52 18.30 -17.50
C SER A 68 8.05 18.49 -18.94
N ASP A 69 9.03 18.67 -19.83
CA ASP A 69 8.74 18.88 -21.24
C ASP A 69 9.64 18.01 -22.10
N SER A 70 10.31 17.05 -21.46
CA SER A 70 11.22 16.16 -22.16
C SER A 70 11.51 14.91 -21.34
N VAL A 71 11.79 13.82 -22.02
CA VAL A 71 12.22 12.60 -21.36
C VAL A 71 13.74 12.59 -21.29
N TRP A 72 14.29 11.90 -20.28
CA TRP A 72 15.73 11.93 -20.07
C TRP A 72 16.47 11.04 -21.07
N ASN A 73 15.92 9.87 -21.36
CA ASN A 73 16.58 8.93 -22.27
C ASN A 73 15.58 7.97 -22.91
N PRO A 74 15.19 8.23 -24.16
CA PRO A 74 14.24 7.42 -24.91
C PRO A 74 14.70 5.97 -25.07
N ASP A 75 16.00 5.77 -25.20
CA ASP A 75 16.57 4.43 -25.36
C ASP A 75 16.37 3.58 -24.11
N LYS A 76 16.28 4.24 -22.96
CA LYS A 76 16.08 3.54 -21.69
C LYS A 76 14.60 3.38 -21.36
N ILE A 77 13.74 3.84 -22.26
CA ILE A 77 12.30 3.77 -22.04
C ILE A 77 11.64 2.72 -22.93
N VAL A 78 10.77 1.90 -22.34
CA VAL A 78 10.07 0.87 -23.09
C VAL A 78 8.55 0.98 -22.91
N VAL A 79 7.83 0.97 -24.03
CA VAL A 79 6.37 1.00 -23.99
C VAL A 79 5.78 -0.20 -24.70
N ALA A 80 4.88 -0.91 -24.02
CA ALA A 80 4.27 -2.11 -24.58
C ALA A 80 2.79 -2.22 -24.23
N PHE A 81 1.96 -2.43 -25.25
CA PHE A 81 0.53 -2.60 -25.05
C PHE A 81 0.21 -4.07 -24.82
N ASP A 82 -0.49 -4.37 -23.73
CA ASP A 82 -0.78 -5.75 -23.39
C ASP A 82 -2.06 -5.91 -22.56
N HIS A 83 -2.35 -4.92 -21.73
CA HIS A 83 -3.49 -5.01 -20.82
C HIS A 83 -4.84 -5.01 -21.55
N ASN A 84 -4.97 -4.14 -22.54
CA ASN A 84 -6.22 -3.98 -23.26
C ASN A 84 -6.06 -4.14 -24.76
N VAL A 85 -5.60 -5.31 -25.19
CA VAL A 85 -5.36 -5.56 -26.60
C VAL A 85 -6.17 -6.75 -27.14
N PRO A 86 -7.02 -6.50 -28.14
CA PRO A 86 -7.33 -5.21 -28.76
C PRO A 86 -8.17 -4.34 -27.82
N PRO A 87 -8.26 -3.03 -28.09
CA PRO A 87 -9.02 -2.08 -27.26
C PRO A 87 -10.45 -2.56 -26.96
N ASN A 88 -10.80 -2.57 -25.68
CA ASN A 88 -12.09 -3.07 -25.23
C ASN A 88 -13.13 -1.98 -25.03
N THR A 89 -12.69 -0.80 -24.60
CA THR A 89 -13.60 0.32 -24.41
C THR A 89 -13.11 1.55 -25.16
N VAL A 90 -13.98 2.55 -25.27
CA VAL A 90 -13.62 3.81 -25.91
C VAL A 90 -12.52 4.49 -25.11
N LYS A 91 -12.65 4.47 -23.79
CA LYS A 91 -11.64 5.03 -22.91
C LYS A 91 -10.30 4.33 -23.07
N ALA A 92 -10.34 3.02 -23.32
CA ALA A 92 -9.14 2.24 -23.53
C ALA A 92 -8.49 2.60 -24.86
N ALA A 93 -9.32 2.81 -25.88
CA ALA A 93 -8.84 3.19 -27.20
C ALA A 93 -8.27 4.60 -27.17
N GLU A 94 -8.87 5.47 -26.37
CA GLU A 94 -8.40 6.83 -26.21
C GLU A 94 -7.05 6.84 -25.49
N MET A 95 -6.90 5.94 -24.53
CA MET A 95 -5.64 5.82 -23.80
C MET A 95 -4.50 5.40 -24.72
N GLN A 96 -4.73 4.37 -25.52
CA GLN A 96 -3.72 3.88 -26.45
C GLN A 96 -3.34 4.94 -27.48
N LYS A 97 -4.30 5.79 -27.83
CA LYS A 97 -4.03 6.88 -28.77
C LYS A 97 -3.15 7.92 -28.11
N LEU A 98 -3.34 8.12 -26.80
CA LEU A 98 -2.52 9.04 -26.03
C LEU A 98 -1.12 8.49 -25.84
N ALA A 99 -1.03 7.18 -25.67
CA ALA A 99 0.25 6.51 -25.51
C ALA A 99 1.06 6.58 -26.81
N LEU A 100 0.36 6.58 -27.93
CA LEU A 100 1.00 6.71 -29.24
C LEU A 100 1.60 8.09 -29.41
N GLU A 101 0.96 9.09 -28.80
CA GLU A 101 1.48 10.46 -28.83
C GLU A 101 2.81 10.52 -28.12
N PHE A 102 2.86 9.91 -26.93
CA PHE A 102 4.06 9.86 -26.12
C PHE A 102 5.23 9.25 -26.87
N VAL A 103 4.96 8.11 -27.51
CA VAL A 103 5.98 7.40 -28.28
C VAL A 103 6.42 8.22 -29.50
N LYS A 104 5.45 8.82 -30.17
CA LYS A 104 5.72 9.61 -31.37
C LYS A 104 6.49 10.88 -31.02
N ARG A 105 6.09 11.52 -29.93
CA ARG A 105 6.70 12.78 -29.50
C ARG A 105 8.16 12.60 -29.07
N PHE A 106 8.38 11.70 -28.12
CA PHE A 106 9.70 11.54 -27.52
C PHE A 106 10.56 10.50 -28.24
N GLY A 107 10.05 9.96 -29.33
CA GLY A 107 10.80 9.03 -30.16
C GLY A 107 11.18 7.74 -29.46
N ILE A 108 10.23 7.15 -28.75
CA ILE A 108 10.47 5.89 -28.06
C ILE A 108 10.61 4.75 -29.06
N LYS A 109 11.85 4.43 -29.42
CA LYS A 109 12.12 3.37 -30.38
C LYS A 109 11.77 2.00 -29.81
N ASN A 110 11.92 1.85 -28.51
CA ASN A 110 11.59 0.61 -27.83
C ASN A 110 10.09 0.49 -27.56
N PHE A 111 9.29 0.62 -28.62
CA PHE A 111 7.84 0.55 -28.49
C PHE A 111 7.30 -0.76 -29.05
N HIS A 112 6.34 -1.34 -28.35
CA HIS A 112 5.73 -2.59 -28.78
C HIS A 112 4.21 -2.48 -28.84
N LYS A 113 3.66 -2.68 -30.04
CA LYS A 113 2.23 -2.58 -30.26
C LYS A 113 1.48 -3.74 -29.64
N GLY A 114 0.16 -3.76 -29.83
CA GLY A 114 -0.66 -4.85 -29.36
C GLY A 114 -0.35 -6.13 -30.11
N GLY A 115 -0.24 -7.24 -29.37
CA GLY A 115 0.08 -8.51 -29.98
C GLY A 115 1.52 -8.90 -29.74
N GLU A 116 2.35 -7.92 -29.44
CA GLU A 116 3.76 -8.16 -29.16
C GLU A 116 3.94 -9.00 -27.91
N GLY A 117 3.03 -8.85 -26.95
CA GLY A 117 3.05 -9.66 -25.75
C GLY A 117 2.99 -8.85 -24.47
N ILE A 118 3.00 -9.55 -23.35
CA ILE A 118 2.97 -8.92 -22.03
C ILE A 118 4.21 -8.06 -21.81
N CYS A 119 4.01 -6.92 -21.17
CA CYS A 119 5.08 -5.96 -20.93
C CYS A 119 6.30 -6.56 -20.23
N HIS A 120 6.04 -7.36 -19.19
CA HIS A 120 7.13 -7.99 -18.44
C HIS A 120 7.81 -9.07 -19.25
N GLN A 121 7.05 -9.78 -20.06
CA GLN A 121 7.59 -10.85 -20.89
C GLN A 121 8.48 -10.28 -21.99
N ILE A 122 8.03 -9.20 -22.61
CA ILE A 122 8.81 -8.50 -23.62
C ILE A 122 10.10 -7.95 -23.02
N LEU A 123 9.98 -7.39 -21.82
CA LEU A 123 11.11 -6.80 -21.12
C LEU A 123 12.15 -7.86 -20.78
N ALA A 124 11.69 -9.07 -20.50
CA ALA A 124 12.57 -10.18 -20.18
C ALA A 124 13.19 -10.79 -21.43
N GLU A 125 12.52 -10.58 -22.57
CA GLU A 125 12.95 -11.20 -23.81
C GLU A 125 13.99 -10.39 -24.59
N ASN A 126 14.16 -9.12 -24.23
CA ASN A 126 15.02 -8.25 -25.04
C ASN A 126 15.56 -7.00 -24.35
N TYR A 127 15.45 -6.93 -23.02
CA TYR A 127 15.88 -5.71 -22.33
C TYR A 127 16.61 -5.94 -21.00
N VAL A 128 15.94 -6.56 -20.05
CA VAL A 128 16.45 -6.67 -18.68
C VAL A 128 17.80 -7.41 -18.56
N LEU A 129 18.82 -6.66 -18.16
CA LEU A 129 20.14 -7.23 -17.88
C LEU A 129 20.37 -7.30 -16.38
N PRO A 130 21.23 -8.23 -15.93
CA PRO A 130 21.57 -8.34 -14.51
C PRO A 130 22.14 -7.04 -13.93
N ASN A 131 22.03 -6.89 -12.62
CA ASN A 131 22.54 -5.71 -11.89
C ASN A 131 21.84 -4.40 -12.22
N MET A 132 20.83 -4.46 -13.08
CA MET A 132 20.09 -3.26 -13.46
C MET A 132 19.19 -2.74 -12.35
N PHE A 133 18.68 -1.53 -12.53
CA PHE A 133 17.61 -1.00 -11.71
C PHE A 133 16.41 -0.77 -12.62
N VAL A 134 15.45 -1.70 -12.56
CA VAL A 134 14.30 -1.67 -13.46
C VAL A 134 13.07 -1.06 -12.82
N ALA A 135 12.63 0.08 -13.35
CA ALA A 135 11.42 0.73 -12.85
C ALA A 135 10.27 0.50 -13.82
N GLY A 136 9.10 0.20 -13.29
CA GLY A 136 7.95 -0.09 -14.13
C GLY A 136 6.63 0.41 -13.58
N GLY A 137 5.74 0.81 -14.48
CA GLY A 137 4.41 1.25 -14.12
C GLY A 137 3.48 0.06 -14.01
N ASP A 138 3.87 -0.91 -13.18
CA ASP A 138 3.09 -2.13 -13.01
C ASP A 138 3.44 -2.75 -11.67
N SER A 139 2.44 -3.30 -10.99
CA SER A 139 2.62 -3.85 -9.66
C SER A 139 3.40 -5.17 -9.66
N HIS A 140 3.77 -5.64 -10.84
CA HIS A 140 4.52 -6.89 -10.96
C HIS A 140 5.82 -6.70 -11.74
N THR A 141 6.47 -5.55 -11.54
CA THR A 141 7.76 -5.28 -12.14
C THR A 141 8.83 -6.09 -11.41
N CYS A 142 8.47 -6.60 -10.23
CA CYS A 142 9.37 -7.41 -9.41
C CYS A 142 9.78 -8.71 -10.09
N THR A 143 9.07 -9.05 -11.18
CA THR A 143 9.35 -10.25 -11.96
C THR A 143 10.79 -10.26 -12.48
N HIS A 144 11.30 -9.08 -12.81
CA HIS A 144 12.62 -8.95 -13.42
C HIS A 144 13.76 -9.06 -12.42
N GLY A 145 13.46 -9.52 -11.22
CA GLY A 145 14.47 -9.78 -10.21
C GLY A 145 15.09 -11.14 -10.44
N ALA A 146 14.54 -11.88 -11.40
CA ALA A 146 15.04 -13.21 -11.74
C ALA A 146 16.31 -13.10 -12.56
N PHE A 147 16.60 -11.90 -13.05
CA PHE A 147 17.82 -11.63 -13.81
C PHE A 147 18.94 -11.18 -12.88
N GLY A 148 18.61 -10.99 -11.61
CA GLY A 148 19.57 -10.51 -10.64
C GLY A 148 19.62 -8.99 -10.63
N ALA A 149 18.48 -8.38 -10.94
CA ALA A 149 18.40 -6.92 -10.97
C ALA A 149 17.31 -6.43 -10.02
N PHE A 150 17.55 -5.29 -9.39
CA PHE A 150 16.58 -4.70 -8.49
C PHE A 150 15.46 -4.05 -9.28
N ALA A 151 14.27 -4.66 -9.24
CA ALA A 151 13.14 -4.18 -10.02
C ALA A 151 11.89 -4.01 -9.17
N THR A 152 11.33 -2.81 -9.19
CA THR A 152 10.12 -2.50 -8.42
C THR A 152 9.09 -1.78 -9.27
N GLY A 153 7.85 -1.72 -8.79
CA GLY A 153 6.78 -1.06 -9.51
C GLY A 153 6.45 0.30 -8.93
N PHE A 154 6.18 1.26 -9.82
CA PHE A 154 5.85 2.62 -9.41
C PHE A 154 4.49 3.05 -9.94
N GLY A 155 3.93 4.09 -9.33
CA GLY A 155 2.65 4.62 -9.77
C GLY A 155 2.82 5.58 -10.93
N ALA A 156 1.71 6.15 -11.38
CA ALA A 156 1.72 7.08 -12.51
C ALA A 156 2.55 8.33 -12.20
N THR A 157 2.50 8.76 -10.94
CA THR A 157 3.25 9.92 -10.50
C THR A 157 4.76 9.68 -10.54
N ASP A 158 5.20 8.58 -9.93
CA ASP A 158 6.62 8.27 -9.86
C ASP A 158 7.21 7.93 -11.22
N MET A 159 6.39 7.36 -12.10
CA MET A 159 6.84 6.99 -13.44
C MET A 159 7.12 8.23 -14.28
N ALA A 160 6.38 9.30 -14.03
CA ALA A 160 6.59 10.56 -14.72
C ALA A 160 7.89 11.22 -14.24
N TYR A 161 8.12 11.13 -12.93
CA TYR A 161 9.34 11.67 -12.33
C TYR A 161 10.57 10.98 -12.90
N ILE A 162 10.50 9.65 -12.99
CA ILE A 162 11.60 8.85 -13.53
C ILE A 162 11.79 9.11 -15.02
N TYR A 163 10.68 9.27 -15.73
CA TYR A 163 10.72 9.57 -17.17
C TYR A 163 11.42 10.89 -17.45
N ALA A 164 11.41 11.80 -16.47
CA ALA A 164 11.93 13.14 -16.68
C ALA A 164 13.38 13.31 -16.21
N THR A 165 13.73 12.64 -15.12
CA THR A 165 15.05 12.80 -14.52
C THR A 165 15.95 11.59 -14.71
N GLY A 166 15.34 10.42 -14.87
CA GLY A 166 16.08 9.18 -15.01
C GLY A 166 16.59 8.68 -13.68
N GLU A 167 16.10 9.31 -12.61
CA GLU A 167 16.51 8.95 -11.25
C GLU A 167 15.28 8.85 -10.36
N THR A 168 15.42 8.12 -9.26
CA THR A 168 14.33 8.01 -8.30
C THR A 168 14.89 7.91 -6.88
N TRP A 169 14.02 8.06 -5.89
CA TRP A 169 14.44 8.02 -4.50
C TRP A 169 13.75 6.89 -3.76
N ILE A 170 14.52 5.87 -3.40
CA ILE A 170 13.99 4.72 -2.67
C ILE A 170 14.79 4.45 -1.41
N LYS A 171 14.19 3.65 -0.51
CA LYS A 171 14.88 3.24 0.69
C LYS A 171 15.31 1.79 0.53
N VAL A 172 16.60 1.53 0.78
CA VAL A 172 17.13 0.17 0.66
C VAL A 172 16.40 -0.76 1.62
N PRO A 173 15.68 -1.75 1.06
CA PRO A 173 14.79 -2.62 1.83
C PRO A 173 15.55 -3.70 2.59
N LYS A 174 14.90 -4.25 3.61
CA LYS A 174 15.42 -5.42 4.32
C LYS A 174 15.16 -6.64 3.45
N THR A 175 15.86 -7.73 3.73
CA THR A 175 15.76 -8.91 2.88
C THR A 175 15.35 -10.17 3.64
N ILE A 176 14.17 -10.69 3.31
CA ILE A 176 13.76 -12.00 3.80
C ILE A 176 14.29 -13.08 2.86
N ARG A 177 15.30 -13.81 3.33
CA ARG A 177 15.94 -14.85 2.53
C ARG A 177 15.06 -16.09 2.47
N VAL A 178 14.82 -16.59 1.27
CA VAL A 178 14.02 -17.79 1.08
C VAL A 178 14.82 -18.88 0.38
N ASP A 179 15.36 -19.81 1.17
CA ASP A 179 16.09 -20.95 0.62
C ASP A 179 15.12 -22.08 0.29
N ILE A 180 15.18 -22.54 -0.96
CA ILE A 180 14.32 -23.64 -1.39
C ILE A 180 15.18 -24.86 -1.73
N VAL A 181 15.08 -25.89 -0.89
CA VAL A 181 15.87 -27.10 -1.06
C VAL A 181 14.99 -28.34 -1.14
N GLY A 182 15.58 -29.43 -1.62
CA GLY A 182 14.85 -30.69 -1.76
C GLY A 182 14.65 -31.04 -3.23
N LYS A 183 13.90 -32.10 -3.49
CA LYS A 183 13.65 -32.54 -4.86
C LYS A 183 12.24 -33.07 -5.08
N ASN A 184 11.60 -32.60 -6.15
CA ASN A 184 10.27 -33.05 -6.52
C ASN A 184 10.02 -32.79 -8.00
N GLU A 185 9.66 -33.84 -8.73
CA GLU A 185 9.46 -33.73 -10.17
C GLU A 185 8.00 -33.85 -10.56
N ASN A 186 7.10 -33.62 -9.61
CA ASN A 186 5.67 -33.63 -9.88
C ASN A 186 5.04 -32.27 -9.69
N VAL A 187 5.76 -31.37 -9.03
CA VAL A 187 5.29 -30.01 -8.82
C VAL A 187 6.01 -29.02 -9.74
N SER A 188 5.45 -27.84 -9.87
CA SER A 188 6.03 -26.81 -10.74
C SER A 188 6.46 -25.60 -9.92
N ALA A 189 7.05 -24.63 -10.61
CA ALA A 189 7.51 -23.39 -9.98
C ALA A 189 6.34 -22.61 -9.39
N LYS A 190 5.18 -22.72 -10.02
CA LYS A 190 3.97 -22.09 -9.51
C LYS A 190 3.55 -22.78 -8.21
N ASP A 191 3.66 -24.10 -8.18
CA ASP A 191 3.37 -24.85 -6.97
C ASP A 191 4.35 -24.48 -5.86
N ILE A 192 5.57 -24.17 -6.25
CA ILE A 192 6.62 -23.81 -5.29
C ILE A 192 6.39 -22.41 -4.73
N VAL A 193 6.15 -21.45 -5.61
CA VAL A 193 5.97 -20.06 -5.18
C VAL A 193 4.67 -19.89 -4.39
N LEU A 194 3.69 -20.75 -4.66
CA LEU A 194 2.45 -20.74 -3.89
C LEU A 194 2.70 -21.26 -2.49
N ARG A 195 3.68 -22.15 -2.35
CA ARG A 195 4.03 -22.69 -1.04
C ARG A 195 4.76 -21.62 -0.24
N VAL A 196 5.48 -20.75 -0.93
CA VAL A 196 6.23 -19.68 -0.30
C VAL A 196 5.28 -18.63 0.28
N CYS A 197 4.17 -18.39 -0.41
CA CYS A 197 3.24 -17.35 -0.02
C CYS A 197 2.47 -17.68 1.27
N LYS A 198 2.56 -18.93 1.73
CA LYS A 198 1.86 -19.34 2.94
C LYS A 198 2.74 -19.19 4.18
N GLU A 199 3.96 -19.70 4.07
CA GLU A 199 4.92 -19.62 5.16
C GLU A 199 5.20 -18.17 5.50
N ILE A 200 5.13 -17.31 4.48
CA ILE A 200 5.37 -15.89 4.65
C ILE A 200 4.09 -15.12 4.91
N GLY A 201 3.13 -15.26 4.01
CA GLY A 201 1.86 -14.56 4.12
C GLY A 201 1.70 -13.49 3.07
N ARG A 202 0.49 -12.98 2.90
CA ARG A 202 0.22 -11.96 1.90
C ARG A 202 0.74 -10.59 2.33
N ARG A 203 1.17 -10.49 3.59
CA ARG A 203 1.66 -9.23 4.12
C ARG A 203 2.91 -9.46 4.96
N GLY A 204 3.47 -10.66 4.88
CA GLY A 204 4.62 -11.02 5.68
C GLY A 204 5.95 -10.65 5.05
N ALA A 205 5.91 -9.69 4.12
CA ALA A 205 7.13 -9.26 3.45
C ALA A 205 7.03 -7.79 3.04
N THR A 206 6.13 -7.06 3.67
CA THR A 206 5.90 -5.65 3.36
C THR A 206 7.14 -4.82 3.64
N TYR A 207 7.42 -3.87 2.74
CA TYR A 207 8.60 -3.02 2.83
C TYR A 207 9.91 -3.80 2.78
N MET A 208 9.85 -5.03 2.27
CA MET A 208 11.02 -5.89 2.25
C MET A 208 11.22 -6.55 0.89
N ALA A 209 12.42 -7.07 0.66
CA ALA A 209 12.76 -7.73 -0.60
C ALA A 209 12.87 -9.23 -0.42
N ILE A 210 12.50 -9.97 -1.46
CA ILE A 210 12.56 -11.43 -1.41
C ILE A 210 13.80 -11.95 -2.13
N GLU A 211 14.58 -12.77 -1.43
CA GLU A 211 15.78 -13.36 -2.03
C GLU A 211 15.67 -14.88 -2.07
N TYR A 212 15.42 -15.42 -3.26
CA TYR A 212 15.31 -16.85 -3.44
C TYR A 212 16.67 -17.50 -3.64
N GLY A 213 16.88 -18.62 -2.97
CA GLY A 213 18.12 -19.38 -3.10
C GLY A 213 17.90 -20.85 -2.85
N GLY A 214 18.97 -21.62 -2.87
CA GLY A 214 18.88 -23.05 -2.62
C GLY A 214 19.09 -23.87 -3.87
N GLU A 215 19.17 -25.18 -3.69
CA GLU A 215 19.43 -26.10 -4.79
C GLU A 215 18.32 -26.12 -5.83
N VAL A 216 17.09 -25.89 -5.40
CA VAL A 216 15.95 -25.89 -6.29
C VAL A 216 15.97 -24.67 -7.21
N VAL A 217 16.16 -23.49 -6.61
CA VAL A 217 16.23 -22.25 -7.37
C VAL A 217 17.45 -22.26 -8.29
N LYS A 218 18.55 -22.83 -7.80
CA LYS A 218 19.78 -22.92 -8.57
C LYS A 218 19.61 -23.82 -9.79
N ASN A 219 18.73 -24.82 -9.67
CA ASN A 219 18.49 -25.75 -10.76
C ASN A 219 17.33 -25.33 -11.67
N MET A 220 16.61 -24.30 -11.23
CA MET A 220 15.50 -23.77 -12.03
C MET A 220 15.98 -23.13 -13.32
N ASP A 221 15.18 -23.27 -14.37
CA ASP A 221 15.39 -22.50 -15.58
C ASP A 221 14.79 -21.11 -15.34
N MET A 222 14.97 -20.20 -16.30
CA MET A 222 14.48 -18.84 -16.13
C MET A 222 12.95 -18.76 -16.10
N ASP A 223 12.30 -19.76 -16.70
CA ASP A 223 10.84 -19.82 -16.68
C ASP A 223 10.33 -20.01 -15.25
N GLY A 224 11.13 -20.69 -14.43
CA GLY A 224 10.79 -20.91 -13.04
C GLY A 224 11.15 -19.72 -12.16
N ARG A 225 12.30 -19.11 -12.46
CA ARG A 225 12.77 -17.97 -11.68
C ARG A 225 11.89 -16.74 -11.91
N LEU A 226 11.35 -16.62 -13.12
CA LEU A 226 10.43 -15.54 -13.44
C LEU A 226 9.15 -15.66 -12.62
N THR A 227 8.71 -16.89 -12.40
CA THR A 227 7.50 -17.16 -11.64
C THR A 227 7.66 -16.81 -10.17
N LEU A 228 8.81 -17.17 -9.60
CA LEU A 228 9.08 -16.92 -8.18
C LEU A 228 9.17 -15.44 -7.86
N CYS A 229 9.79 -14.67 -8.76
CA CYS A 229 9.95 -13.24 -8.54
C CYS A 229 8.68 -12.47 -8.89
N ASN A 230 7.79 -13.09 -9.66
CA ASN A 230 6.56 -12.45 -10.07
C ASN A 230 5.56 -12.32 -8.93
N MET A 231 5.54 -13.33 -8.06
CA MET A 231 4.58 -13.36 -6.96
C MET A 231 5.15 -12.76 -5.69
N ALA A 232 6.10 -11.84 -5.85
CA ALA A 232 6.72 -11.19 -4.70
C ALA A 232 5.79 -10.17 -4.06
N ILE A 233 5.09 -9.42 -4.90
CA ILE A 233 4.17 -8.38 -4.44
C ILE A 233 2.95 -9.00 -3.73
N GLU A 234 2.62 -10.24 -4.10
CA GLU A 234 1.48 -10.93 -3.53
C GLU A 234 1.72 -11.29 -2.06
N MET A 235 2.99 -11.23 -1.65
CA MET A 235 3.35 -11.45 -0.26
C MET A 235 3.64 -10.13 0.43
N GLY A 236 3.36 -9.03 -0.27
CA GLY A 236 3.61 -7.70 0.26
C GLY A 236 5.02 -7.21 -0.06
N GLY A 237 5.83 -8.10 -0.63
CA GLY A 237 7.21 -7.81 -0.93
C GLY A 237 7.41 -6.64 -1.88
N LYS A 238 8.42 -5.83 -1.59
CA LYS A 238 8.75 -4.70 -2.44
C LYS A 238 9.29 -5.21 -3.76
N THR A 239 10.05 -6.30 -3.70
CA THR A 239 10.59 -6.94 -4.89
C THR A 239 11.08 -8.35 -4.57
N GLY A 240 11.23 -9.17 -5.60
CA GLY A 240 11.79 -10.50 -5.45
C GLY A 240 12.98 -10.66 -6.37
N VAL A 241 14.12 -11.02 -5.80
CA VAL A 241 15.36 -11.10 -6.58
C VAL A 241 16.04 -12.46 -6.46
N ILE A 242 16.58 -12.93 -7.59
CA ILE A 242 17.30 -14.19 -7.63
C ILE A 242 18.70 -13.99 -8.18
N GLU A 243 19.69 -14.56 -7.51
CA GLU A 243 21.09 -14.44 -7.91
C GLU A 243 21.32 -14.97 -9.33
N ALA A 244 22.05 -14.20 -10.12
CA ALA A 244 22.30 -14.55 -11.52
C ALA A 244 23.39 -15.62 -11.64
N ASP A 245 23.18 -16.59 -12.52
CA ASP A 245 24.15 -17.65 -12.76
C ASP A 245 24.23 -17.99 -14.23
N GLU A 246 24.86 -19.12 -14.53
CA GLU A 246 25.05 -19.55 -15.91
C GLU A 246 23.73 -19.78 -16.65
N ILE A 247 22.71 -20.23 -15.91
CA ILE A 247 21.40 -20.44 -16.49
C ILE A 247 20.79 -19.12 -16.95
N THR A 248 21.07 -18.06 -16.20
CA THR A 248 20.60 -16.73 -16.55
C THR A 248 21.25 -16.24 -17.84
N TYR A 249 22.54 -16.52 -17.99
CA TYR A 249 23.26 -16.11 -19.18
C TYR A 249 22.84 -16.90 -20.41
N ASP A 250 22.49 -18.17 -20.21
CA ASP A 250 22.05 -19.02 -21.30
C ASP A 250 20.75 -18.53 -21.90
N TYR A 251 19.89 -17.96 -21.06
CA TYR A 251 18.62 -17.40 -21.49
C TYR A 251 18.84 -16.14 -22.31
N LEU A 252 19.90 -15.41 -21.98
CA LEU A 252 20.22 -14.17 -22.69
C LEU A 252 20.88 -14.47 -24.03
N LYS A 253 21.23 -15.73 -24.24
CA LYS A 253 21.80 -16.15 -25.52
C LYS A 253 20.70 -16.60 -26.47
N LYS A 254 19.72 -17.32 -25.93
CA LYS A 254 18.64 -17.88 -26.73
C LYS A 254 17.66 -16.80 -27.21
N GLU A 255 17.52 -15.74 -26.43
CA GLU A 255 16.52 -14.71 -26.69
C GLU A 255 17.03 -13.50 -27.48
N ARG A 256 17.98 -12.78 -26.90
CA ARG A 256 18.39 -11.49 -27.47
C ARG A 256 19.64 -11.63 -28.33
N GLY A 257 19.73 -12.70 -29.10
CA GLY A 257 20.95 -12.99 -29.83
C GLY A 257 22.00 -13.42 -28.83
N LEU A 258 23.26 -13.54 -29.27
CA LEU A 258 24.30 -14.00 -28.35
C LEU A 258 25.72 -13.71 -28.80
N SER A 259 26.64 -13.93 -27.86
CA SER A 259 28.07 -13.88 -28.11
C SER A 259 28.75 -14.36 -26.83
N ASP A 260 29.66 -15.33 -26.97
CA ASP A 260 30.39 -15.85 -25.82
C ASP A 260 31.31 -14.79 -25.23
N GLU A 261 31.51 -13.71 -25.98
CA GLU A 261 32.30 -12.58 -25.51
C GLU A 261 31.41 -11.59 -24.76
N ASP A 262 30.17 -11.46 -25.20
CA ASP A 262 29.20 -10.60 -24.53
C ASP A 262 28.83 -11.15 -23.16
N ILE A 263 28.69 -12.48 -23.08
CA ILE A 263 28.36 -13.15 -21.83
C ILE A 263 29.51 -12.99 -20.84
N ALA A 264 30.72 -13.04 -21.35
CA ALA A 264 31.92 -12.83 -20.53
C ALA A 264 31.95 -11.41 -19.98
N LYS A 265 31.43 -10.47 -20.76
CA LYS A 265 31.38 -9.07 -20.34
C LYS A 265 30.36 -8.85 -19.23
N LEU A 266 29.41 -9.77 -19.12
CA LEU A 266 28.39 -9.68 -18.08
C LEU A 266 28.86 -10.41 -16.82
N LYS A 267 29.70 -11.41 -17.00
CA LYS A 267 30.22 -12.17 -15.86
C LYS A 267 31.27 -11.38 -15.08
N LYS A 268 31.84 -10.36 -15.71
CA LYS A 268 32.82 -9.52 -15.04
C LYS A 268 32.12 -8.58 -14.06
N GLU A 269 30.81 -8.50 -14.18
CA GLU A 269 30.01 -7.68 -13.27
C GLU A 269 29.05 -8.55 -12.48
N ARG A 270 29.33 -9.85 -12.46
CA ARG A 270 28.48 -10.80 -11.75
C ARG A 270 28.51 -10.55 -10.24
N ILE A 271 27.33 -10.57 -9.62
CA ILE A 271 27.22 -10.36 -8.19
C ILE A 271 26.78 -11.63 -7.46
N THR A 272 27.63 -12.09 -6.55
CA THR A 272 27.37 -13.32 -5.80
C THR A 272 27.23 -13.02 -4.32
N VAL A 273 26.48 -13.87 -3.61
CA VAL A 273 26.26 -13.69 -2.18
C VAL A 273 26.76 -14.89 -1.39
N ASN A 274 27.57 -14.62 -0.37
CA ASN A 274 28.07 -15.67 0.51
C ASN A 274 27.19 -15.83 1.74
N ARG A 275 26.94 -17.08 2.13
CA ARG A 275 26.17 -17.34 3.34
C ARG A 275 26.86 -16.82 4.62
N ASP A 276 26.05 -16.35 5.57
CA ASP A 276 26.50 -15.83 6.85
C ASP A 276 27.32 -14.54 6.79
N GLU A 277 27.80 -14.22 5.59
CA GLU A 277 28.40 -12.92 5.34
C GLU A 277 27.29 -11.97 4.93
N ALA A 278 26.08 -12.49 4.84
CA ALA A 278 24.89 -11.68 4.60
C ALA A 278 23.88 -11.88 5.71
N ASN A 279 23.66 -10.83 6.50
CA ASN A 279 22.68 -10.87 7.59
C ASN A 279 21.30 -10.43 7.14
N TYR A 280 20.36 -11.37 7.15
CA TYR A 280 19.00 -11.10 6.70
C TYR A 280 18.11 -10.75 7.88
N TYR A 281 16.98 -10.09 7.59
CA TYR A 281 16.00 -9.79 8.62
C TYR A 281 15.43 -11.10 9.15
N LYS A 282 15.20 -12.05 8.25
CA LYS A 282 14.77 -13.38 8.63
C LYS A 282 15.09 -14.37 7.52
N GLU A 283 15.30 -15.63 7.88
CA GLU A 283 15.59 -16.66 6.87
C GLU A 283 14.60 -17.79 6.98
N ILE A 284 14.04 -18.18 5.85
CA ILE A 284 13.07 -19.27 5.81
C ILE A 284 13.51 -20.36 4.83
N GLU A 285 13.20 -21.61 5.16
CA GLU A 285 13.52 -22.74 4.29
C GLU A 285 12.27 -23.54 4.02
N ILE A 286 12.07 -23.92 2.77
CA ILE A 286 10.85 -24.62 2.36
C ILE A 286 11.12 -26.05 1.91
N ASP A 287 10.43 -26.99 2.55
CA ASP A 287 10.49 -28.39 2.15
C ASP A 287 9.68 -28.58 0.86
N ILE A 288 10.17 -29.43 -0.03
CA ILE A 288 9.53 -29.62 -1.32
C ILE A 288 9.48 -31.10 -1.71
N THR A 289 10.26 -31.92 -1.01
CA THR A 289 10.39 -33.34 -1.35
C THR A 289 9.06 -34.08 -1.37
N ASP A 290 8.36 -34.08 -0.25
CA ASP A 290 7.08 -34.76 -0.15
C ASP A 290 5.92 -33.77 -0.10
N MET A 291 5.94 -32.81 -1.02
CA MET A 291 4.91 -31.79 -1.07
C MET A 291 3.91 -32.04 -2.19
N GLU A 292 2.63 -31.85 -1.89
CA GLU A 292 1.59 -31.99 -2.90
C GLU A 292 1.55 -30.76 -3.79
N GLU A 293 0.79 -30.83 -4.87
CA GLU A 293 0.59 -29.68 -5.74
C GLU A 293 -0.29 -28.64 -5.08
N GLN A 294 -0.15 -27.38 -5.48
CA GLN A 294 -0.77 -26.28 -4.76
C GLN A 294 -1.82 -25.52 -5.57
N VAL A 295 -3.01 -25.35 -4.96
CA VAL A 295 -4.08 -24.55 -5.54
C VAL A 295 -4.60 -23.51 -4.54
N ALA A 296 -4.46 -22.23 -4.88
CA ALA A 296 -4.90 -21.15 -4.01
C ALA A 296 -6.41 -20.91 -4.09
N VAL A 297 -7.04 -20.82 -2.92
CA VAL A 297 -8.49 -20.63 -2.85
C VAL A 297 -8.85 -19.17 -2.59
N PRO A 298 -10.08 -18.76 -2.98
CA PRO A 298 -10.57 -17.40 -2.75
C PRO A 298 -10.47 -16.97 -1.28
N HIS A 299 -10.25 -15.69 -1.02
CA HIS A 299 -10.09 -14.69 -2.08
C HIS A 299 -8.74 -14.01 -2.01
N HIS A 300 -7.71 -14.75 -1.63
CA HIS A 300 -6.37 -14.19 -1.48
C HIS A 300 -5.30 -15.20 -1.90
N PRO A 301 -4.19 -14.69 -2.46
CA PRO A 301 -3.07 -15.54 -2.90
C PRO A 301 -2.40 -16.29 -1.75
N ASP A 302 -2.66 -15.88 -0.51
CA ASP A 302 -2.06 -16.55 0.64
C ASP A 302 -2.96 -17.65 1.23
N ASN A 303 -3.73 -18.30 0.36
CA ASN A 303 -4.63 -19.36 0.79
C ASN A 303 -4.62 -20.60 -0.10
N VAL A 304 -3.58 -21.43 0.01
CA VAL A 304 -3.59 -22.71 -0.69
C VAL A 304 -3.63 -23.92 0.25
N LYS A 305 -4.65 -24.74 0.07
CA LYS A 305 -4.69 -26.06 0.66
C LYS A 305 -4.14 -27.00 -0.40
N PRO A 306 -3.50 -28.11 0.02
CA PRO A 306 -2.97 -29.07 -0.95
C PRO A 306 -4.06 -29.57 -1.90
N ILE A 307 -3.65 -30.07 -3.07
CA ILE A 307 -4.58 -30.48 -4.12
C ILE A 307 -5.63 -31.48 -3.63
N SER A 308 -5.29 -32.24 -2.60
CA SER A 308 -6.19 -33.24 -2.05
C SER A 308 -7.33 -32.61 -1.26
N ASP A 309 -7.17 -31.34 -0.87
CA ASP A 309 -8.15 -30.67 -0.05
C ASP A 309 -9.17 -29.85 -0.85
N VAL A 310 -8.92 -29.67 -2.13
CA VAL A 310 -9.83 -28.91 -2.98
C VAL A 310 -10.24 -29.70 -4.23
N GLU A 311 -9.86 -30.98 -4.27
CA GLU A 311 -10.20 -31.82 -5.40
C GLU A 311 -11.70 -32.13 -5.44
N GLY A 312 -12.34 -31.73 -6.53
CA GLY A 312 -13.77 -31.94 -6.70
C GLY A 312 -14.51 -30.64 -6.85
N THR A 313 -13.79 -29.53 -6.69
CA THR A 313 -14.38 -28.20 -6.80
C THR A 313 -14.81 -27.90 -8.23
N GLU A 314 -16.09 -27.60 -8.41
CA GLU A 314 -16.61 -27.31 -9.73
C GLU A 314 -16.10 -25.98 -10.26
N ILE A 315 -15.54 -26.01 -11.46
CA ILE A 315 -15.08 -24.80 -12.14
C ILE A 315 -15.88 -24.54 -13.40
N ASN A 316 -16.04 -23.25 -13.74
CA ASN A 316 -16.82 -22.87 -14.91
C ASN A 316 -15.96 -22.26 -16.00
N GLN A 317 -14.74 -21.88 -15.65
CA GLN A 317 -13.82 -21.28 -16.61
C GLN A 317 -12.38 -21.54 -16.21
N VAL A 318 -11.51 -21.70 -17.20
CA VAL A 318 -10.09 -21.91 -16.94
C VAL A 318 -9.24 -21.00 -17.82
N PHE A 319 -8.38 -20.21 -17.20
CA PHE A 319 -7.47 -19.35 -17.95
C PHE A 319 -6.02 -19.80 -17.81
N ILE A 320 -5.33 -19.86 -18.94
CA ILE A 320 -3.93 -20.24 -18.97
C ILE A 320 -3.10 -19.27 -19.81
N GLY A 321 -2.22 -18.53 -19.15
CA GLY A 321 -1.28 -17.68 -19.88
C GLY A 321 -1.19 -16.25 -19.42
N SER A 322 -0.58 -16.03 -18.26
CA SER A 322 -0.28 -14.69 -17.80
C SER A 322 1.23 -14.51 -17.75
N CYS A 323 1.69 -13.46 -17.06
CA CYS A 323 3.12 -13.24 -16.90
C CYS A 323 3.73 -14.35 -16.05
N THR A 324 2.92 -14.92 -15.17
CA THR A 324 3.38 -15.99 -14.29
C THR A 324 3.56 -17.30 -15.05
N ASN A 325 2.56 -17.65 -15.85
CA ASN A 325 2.59 -18.92 -16.59
C ASN A 325 2.02 -18.80 -18.00
N GLY A 326 2.69 -18.03 -18.84
CA GLY A 326 2.26 -17.85 -20.22
C GLY A 326 3.35 -18.16 -21.22
N ARG A 327 4.49 -18.63 -20.73
CA ARG A 327 5.63 -18.93 -21.59
C ARG A 327 5.47 -20.27 -22.29
N LEU A 328 6.48 -20.64 -23.07
CA LEU A 328 6.43 -21.85 -23.88
C LEU A 328 6.29 -23.11 -23.03
N SER A 329 7.09 -23.19 -21.97
CA SER A 329 7.09 -24.36 -21.10
C SER A 329 5.73 -24.58 -20.44
N ASP A 330 5.05 -23.49 -20.13
CA ASP A 330 3.73 -23.56 -19.50
C ASP A 330 2.69 -24.09 -20.49
N LEU A 331 2.79 -23.64 -21.73
CA LEU A 331 1.85 -24.04 -22.77
C LEU A 331 2.03 -25.51 -23.15
N ARG A 332 3.28 -25.90 -23.38
CA ARG A 332 3.60 -27.28 -23.77
C ARG A 332 3.20 -28.27 -22.70
N GLU A 333 3.34 -27.87 -21.44
CA GLU A 333 2.94 -28.71 -20.30
C GLU A 333 1.43 -28.89 -20.28
N ALA A 334 0.71 -27.80 -20.52
CA ALA A 334 -0.74 -27.83 -20.51
C ALA A 334 -1.27 -28.59 -21.73
N ALA A 335 -0.60 -28.42 -22.87
CA ALA A 335 -1.00 -29.10 -24.10
C ALA A 335 -0.79 -30.60 -23.98
N LYS A 336 0.15 -31.00 -23.12
CA LYS A 336 0.44 -32.40 -22.88
C LYS A 336 -0.77 -33.12 -22.29
N TYR A 337 -1.42 -32.49 -21.32
CA TYR A 337 -2.60 -33.07 -20.68
C TYR A 337 -3.87 -32.75 -21.46
N LEU A 338 -3.76 -31.83 -22.41
CA LEU A 338 -4.91 -31.43 -23.22
C LEU A 338 -4.85 -32.12 -24.57
N LYS A 339 -3.80 -32.92 -24.77
CA LYS A 339 -3.56 -33.59 -26.04
C LYS A 339 -4.54 -34.73 -26.25
N GLY A 340 -5.31 -34.66 -27.34
CA GLY A 340 -6.24 -35.70 -27.69
C GLY A 340 -7.60 -35.55 -27.05
N ARG A 341 -7.65 -34.85 -25.92
CA ARG A 341 -8.90 -34.67 -25.18
C ARG A 341 -9.63 -33.41 -25.60
N GLU A 342 -10.84 -33.24 -25.08
CA GLU A 342 -11.62 -32.03 -25.32
C GLU A 342 -11.97 -31.38 -23.99
N VAL A 343 -12.19 -30.07 -24.01
CA VAL A 343 -12.55 -29.33 -22.81
C VAL A 343 -13.97 -29.72 -22.38
N HIS A 344 -14.14 -29.96 -21.09
CA HIS A 344 -15.44 -30.32 -20.52
C HIS A 344 -16.51 -29.30 -20.90
N LYS A 345 -17.74 -29.79 -21.08
CA LYS A 345 -18.82 -28.99 -21.65
C LYS A 345 -19.15 -27.70 -20.87
N ASP A 346 -19.23 -27.81 -19.55
CA ASP A 346 -19.67 -26.70 -18.72
C ASP A 346 -18.55 -25.72 -18.34
N VAL A 347 -17.39 -25.87 -18.98
CA VAL A 347 -16.26 -24.98 -18.72
C VAL A 347 -15.63 -24.47 -20.01
N LYS A 348 -15.43 -23.15 -20.07
CA LYS A 348 -14.79 -22.52 -21.22
C LYS A 348 -13.31 -22.27 -20.95
N LEU A 349 -12.46 -22.75 -21.85
CA LEU A 349 -11.02 -22.62 -21.69
C LEU A 349 -10.47 -21.44 -22.49
N ILE A 350 -9.68 -20.60 -21.82
CA ILE A 350 -9.07 -19.45 -22.47
C ILE A 350 -7.55 -19.54 -22.41
N VAL A 351 -6.91 -19.50 -23.58
CA VAL A 351 -5.45 -19.60 -23.65
C VAL A 351 -4.83 -18.39 -24.33
N ILE A 352 -3.93 -17.72 -23.62
CA ILE A 352 -3.25 -16.54 -24.14
C ILE A 352 -1.75 -16.62 -23.92
N PRO A 353 -0.98 -16.78 -25.00
CA PRO A 353 0.48 -16.80 -24.90
C PRO A 353 1.03 -15.49 -24.36
N ALA A 354 2.09 -15.54 -23.57
CA ALA A 354 2.63 -14.36 -22.92
C ALA A 354 3.32 -13.39 -23.89
N SER A 355 3.69 -13.89 -25.06
CA SER A 355 4.43 -13.07 -26.02
C SER A 355 4.13 -13.43 -27.46
N LYS A 356 4.67 -12.62 -28.38
CA LYS A 356 4.55 -12.87 -29.81
C LYS A 356 5.53 -13.96 -30.22
N LYS A 357 6.73 -13.90 -29.66
CA LYS A 357 7.75 -14.90 -29.92
C LYS A 357 7.31 -16.26 -29.40
N VAL A 358 6.75 -16.27 -28.19
CA VAL A 358 6.22 -17.49 -27.60
C VAL A 358 5.09 -18.07 -28.44
N PHE A 359 4.24 -17.18 -28.95
CA PHE A 359 3.13 -17.56 -29.81
C PHE A 359 3.66 -18.30 -31.04
N LEU A 360 4.63 -17.69 -31.71
CA LEU A 360 5.17 -18.23 -32.96
C LEU A 360 5.81 -19.61 -32.81
N GLN A 361 6.67 -19.75 -31.80
CA GLN A 361 7.39 -21.01 -31.60
C GLN A 361 6.48 -22.10 -31.05
N ALA A 362 5.30 -21.71 -30.57
CA ALA A 362 4.31 -22.67 -30.12
C ALA A 362 3.36 -23.02 -31.27
N LEU A 363 3.35 -22.17 -32.30
CA LEU A 363 2.58 -22.43 -33.50
C LEU A 363 3.32 -23.41 -34.40
N LYS A 364 4.63 -23.23 -34.50
CA LYS A 364 5.48 -24.09 -35.31
C LYS A 364 5.67 -25.44 -34.62
N GLU A 365 5.24 -25.52 -33.37
CA GLU A 365 5.34 -26.75 -32.60
C GLU A 365 3.98 -27.45 -32.55
N GLY A 366 2.96 -26.78 -33.05
CA GLY A 366 1.62 -27.35 -33.12
C GLY A 366 0.92 -27.38 -31.78
N ILE A 367 1.38 -26.53 -30.87
CA ILE A 367 0.80 -26.46 -29.52
C ILE A 367 -0.56 -25.76 -29.54
N ILE A 368 -0.66 -24.71 -30.35
CA ILE A 368 -1.91 -23.97 -30.49
C ILE A 368 -3.02 -24.86 -31.07
N ASP A 369 -2.63 -25.68 -32.05
CA ASP A 369 -3.57 -26.60 -32.69
C ASP A 369 -4.27 -27.50 -31.67
N ILE A 370 -3.48 -28.01 -30.73
CA ILE A 370 -4.02 -28.87 -29.67
C ILE A 370 -5.04 -28.11 -28.81
N PHE A 371 -4.75 -26.84 -28.55
CA PHE A 371 -5.65 -25.99 -27.79
C PHE A 371 -6.97 -25.78 -28.52
N VAL A 372 -6.88 -25.40 -29.79
CA VAL A 372 -8.06 -25.14 -30.60
C VAL A 372 -8.89 -26.40 -30.83
N LYS A 373 -8.21 -27.52 -31.04
CA LYS A 373 -8.88 -28.81 -31.19
C LYS A 373 -9.66 -29.16 -29.94
N ALA A 374 -9.07 -28.88 -28.78
CA ALA A 374 -9.71 -29.14 -27.50
C ALA A 374 -10.88 -28.19 -27.28
N GLY A 375 -10.85 -27.04 -27.95
CA GLY A 375 -11.94 -26.09 -27.87
C GLY A 375 -11.61 -24.85 -27.06
N ALA A 376 -10.33 -24.55 -26.94
CA ALA A 376 -9.89 -23.37 -26.18
C ALA A 376 -10.13 -22.10 -26.98
N MET A 377 -10.25 -20.98 -26.26
CA MET A 377 -10.41 -19.68 -26.90
C MET A 377 -9.11 -18.91 -26.91
N ILE A 378 -8.43 -18.93 -28.06
CA ILE A 378 -7.16 -18.24 -28.21
C ILE A 378 -7.37 -16.74 -28.38
N CYS A 379 -6.61 -15.94 -27.63
CA CYS A 379 -6.71 -14.50 -27.71
C CYS A 379 -5.34 -13.85 -27.94
N THR A 380 -5.37 -12.55 -28.23
CA THR A 380 -4.16 -11.78 -28.49
C THR A 380 -3.21 -11.81 -27.30
N PRO A 381 -1.93 -12.13 -27.56
CA PRO A 381 -0.87 -12.20 -26.53
C PRO A 381 -0.84 -10.98 -25.61
N GLY A 382 -1.42 -11.14 -24.41
CA GLY A 382 -1.44 -10.09 -23.42
C GLY A 382 -1.80 -10.66 -22.06
N CYS A 383 -2.51 -9.87 -21.26
CA CYS A 383 -2.94 -10.32 -19.94
C CYS A 383 -4.43 -10.02 -19.70
N GLY A 384 -5.25 -11.05 -19.82
CA GLY A 384 -6.68 -10.91 -19.62
C GLY A 384 -7.37 -12.26 -19.45
N PRO A 385 -8.42 -12.30 -18.63
CA PRO A 385 -8.96 -11.16 -17.89
C PRO A 385 -8.18 -10.85 -16.61
N CYS A 386 -7.76 -9.60 -16.47
CA CYS A 386 -7.06 -9.15 -15.28
C CYS A 386 -7.54 -7.76 -14.88
N LEU A 387 -7.95 -7.64 -13.61
CA LEU A 387 -8.52 -6.39 -13.09
C LEU A 387 -9.74 -5.94 -13.88
N GLY A 388 -10.46 -6.91 -14.45
CA GLY A 388 -11.61 -6.60 -15.29
C GLY A 388 -11.17 -5.95 -16.59
N ALA A 389 -10.25 -6.61 -17.29
CA ALA A 389 -9.70 -6.09 -18.55
C ALA A 389 -10.63 -6.35 -19.72
N HIS A 390 -11.86 -6.77 -19.40
CA HIS A 390 -12.88 -7.04 -20.41
C HIS A 390 -12.43 -8.11 -21.41
N GLN A 391 -11.94 -9.22 -20.88
CA GLN A 391 -11.52 -10.35 -21.70
C GLN A 391 -12.44 -11.53 -21.46
N GLY A 392 -12.19 -12.26 -20.36
CA GLY A 392 -13.03 -13.38 -19.98
C GLY A 392 -13.72 -13.11 -18.65
N VAL A 393 -14.62 -12.13 -18.65
CA VAL A 393 -15.29 -11.68 -17.43
C VAL A 393 -16.21 -12.76 -16.83
N LEU A 394 -16.14 -12.91 -15.51
CA LEU A 394 -16.95 -13.89 -14.81
C LEU A 394 -18.31 -13.30 -14.41
N ALA A 395 -19.31 -14.18 -14.30
CA ALA A 395 -20.63 -13.78 -13.85
C ALA A 395 -20.80 -14.12 -12.38
N GLU A 396 -21.98 -13.86 -11.84
CA GLU A 396 -22.25 -14.11 -10.43
C GLU A 396 -22.32 -15.60 -10.12
N GLY A 397 -21.48 -16.04 -9.18
CA GLY A 397 -21.45 -17.44 -8.78
C GLY A 397 -20.59 -18.29 -9.70
N GLU A 398 -19.91 -17.65 -10.64
CA GLU A 398 -19.08 -18.35 -11.59
C GLU A 398 -17.65 -18.49 -11.08
N ILE A 399 -17.08 -19.69 -11.24
CA ILE A 399 -15.76 -19.99 -10.72
C ILE A 399 -14.72 -20.14 -11.84
N CYS A 400 -13.57 -19.52 -11.65
CA CYS A 400 -12.49 -19.60 -12.62
C CYS A 400 -11.18 -20.10 -12.02
N LEU A 401 -10.54 -21.05 -12.71
CA LEU A 401 -9.22 -21.53 -12.33
C LEU A 401 -8.18 -20.90 -13.23
N SER A 402 -7.35 -20.03 -12.67
CA SER A 402 -6.41 -19.25 -13.46
C SER A 402 -4.95 -19.53 -13.11
N THR A 403 -4.06 -19.22 -14.05
CA THR A 403 -2.63 -19.33 -13.82
C THR A 403 -2.04 -17.97 -13.49
N THR A 404 -2.91 -17.00 -13.21
CA THR A 404 -2.50 -15.66 -12.85
C THR A 404 -1.98 -15.59 -11.42
N ASN A 405 -1.82 -14.37 -10.92
CA ASN A 405 -1.27 -14.16 -9.59
C ASN A 405 -2.23 -13.48 -8.62
N ARG A 406 -3.33 -12.94 -9.16
CA ARG A 406 -4.33 -12.30 -8.32
C ARG A 406 -5.50 -13.23 -8.02
N ASN A 407 -6.10 -13.05 -6.85
CA ASN A 407 -7.12 -13.96 -6.37
C ASN A 407 -8.25 -13.21 -5.65
N PHE A 408 -8.16 -11.89 -5.69
CA PHE A 408 -9.06 -11.02 -4.91
C PHE A 408 -10.53 -11.11 -5.33
N LYS A 409 -11.42 -10.77 -4.40
CA LYS A 409 -12.85 -10.88 -4.61
C LYS A 409 -13.36 -9.92 -5.68
N GLY A 410 -13.96 -10.47 -6.73
CA GLY A 410 -14.51 -9.68 -7.81
C GLY A 410 -13.44 -9.13 -8.72
N ARG A 411 -12.37 -9.89 -8.90
CA ARG A 411 -11.25 -9.47 -9.72
C ARG A 411 -11.54 -9.66 -11.21
N MET A 412 -12.13 -10.79 -11.56
CA MET A 412 -12.42 -11.09 -12.96
C MET A 412 -13.87 -10.79 -13.35
N GLY A 413 -14.54 -9.95 -12.58
CA GLY A 413 -15.89 -9.55 -12.92
C GLY A 413 -16.79 -9.30 -11.73
N HIS A 414 -17.85 -10.10 -11.63
CA HIS A 414 -18.85 -9.94 -10.58
C HIS A 414 -18.23 -10.08 -9.19
N ILE A 415 -18.74 -9.31 -8.24
CA ILE A 415 -18.20 -9.30 -6.88
C ILE A 415 -18.46 -10.64 -6.17
N ASN A 416 -19.42 -11.40 -6.67
CA ASN A 416 -19.75 -12.70 -6.08
C ASN A 416 -19.20 -13.85 -6.90
N SER A 417 -18.17 -13.57 -7.70
CA SER A 417 -17.51 -14.60 -8.49
C SER A 417 -16.31 -15.15 -7.73
N TYR A 418 -15.79 -16.29 -8.18
CA TYR A 418 -14.70 -16.96 -7.48
C TYR A 418 -13.53 -17.30 -8.39
N ILE A 419 -12.32 -17.19 -7.83
CA ILE A 419 -11.10 -17.46 -8.59
C ILE A 419 -10.20 -18.44 -7.84
N TYR A 420 -9.62 -19.39 -8.56
CA TYR A 420 -8.65 -20.30 -7.98
C TYR A 420 -7.35 -20.23 -8.76
N LEU A 421 -6.22 -20.25 -8.04
CA LEU A 421 -4.91 -20.15 -8.68
C LEU A 421 -4.18 -21.49 -8.67
N ALA A 422 -3.62 -21.87 -9.80
CA ALA A 422 -2.90 -23.14 -9.91
C ALA A 422 -1.89 -23.13 -11.05
N SER A 423 -1.30 -24.30 -11.30
CA SER A 423 -0.31 -24.44 -12.36
C SER A 423 -1.01 -24.75 -13.69
N PRO A 424 -0.33 -24.47 -14.82
CA PRO A 424 -0.86 -24.80 -16.14
C PRO A 424 -1.22 -26.28 -16.27
N LYS A 425 -0.45 -27.13 -15.60
CA LYS A 425 -0.73 -28.56 -15.58
C LYS A 425 -2.11 -28.84 -14.99
N ILE A 426 -2.32 -28.37 -13.77
CA ILE A 426 -3.60 -28.57 -13.09
C ILE A 426 -4.72 -27.82 -13.81
N ALA A 427 -4.40 -26.66 -14.36
CA ALA A 427 -5.38 -25.86 -15.09
C ALA A 427 -5.90 -26.60 -16.32
N ALA A 428 -4.99 -27.26 -17.02
CA ALA A 428 -5.36 -28.02 -18.22
C ALA A 428 -6.20 -29.24 -17.85
N ILE A 429 -5.76 -29.97 -16.84
CA ILE A 429 -6.45 -31.18 -16.39
C ILE A 429 -7.86 -30.86 -15.87
N SER A 430 -7.97 -29.79 -15.11
CA SER A 430 -9.25 -29.37 -14.55
C SER A 430 -10.21 -28.89 -15.64
N ALA A 431 -9.65 -28.38 -16.72
CA ALA A 431 -10.45 -27.95 -17.87
C ALA A 431 -11.01 -29.16 -18.61
N VAL A 432 -10.28 -30.27 -18.54
CA VAL A 432 -10.69 -31.49 -19.19
C VAL A 432 -11.83 -32.18 -18.43
N LYS A 433 -11.66 -32.29 -17.11
CA LYS A 433 -12.62 -33.03 -16.29
C LYS A 433 -13.73 -32.14 -15.72
N GLY A 434 -13.56 -30.83 -15.86
CA GLY A 434 -14.59 -29.88 -15.44
C GLY A 434 -14.55 -29.52 -13.97
N TYR A 435 -13.57 -30.05 -13.26
CA TYR A 435 -13.40 -29.73 -11.85
C TYR A 435 -11.94 -29.77 -11.44
N ILE A 436 -11.60 -29.05 -10.37
CA ILE A 436 -10.23 -29.00 -9.88
C ILE A 436 -9.75 -30.38 -9.46
N THR A 437 -8.81 -30.92 -10.24
CA THR A 437 -8.28 -32.25 -9.96
C THR A 437 -6.81 -32.34 -10.34
N ASN A 438 -6.23 -33.52 -10.13
CA ASN A 438 -4.81 -33.71 -10.40
C ASN A 438 -4.56 -34.90 -11.32
N LYS A 439 -5.58 -35.75 -11.48
CA LYS A 439 -5.46 -36.94 -12.32
C LYS A 439 -6.34 -36.83 -13.56
N MET B 22 -23.56 5.39 -5.81
CA MET B 22 -22.34 6.16 -5.65
C MET B 22 -22.04 6.46 -4.19
N THR B 23 -20.94 5.91 -3.69
CA THR B 23 -20.53 6.12 -2.30
C THR B 23 -20.00 7.54 -2.09
N LEU B 24 -19.67 7.86 -0.85
CA LEU B 24 -19.24 9.21 -0.50
C LEU B 24 -17.90 9.58 -1.14
N VAL B 25 -16.96 8.64 -1.15
CA VAL B 25 -15.66 8.89 -1.76
C VAL B 25 -15.77 9.03 -3.27
N GLU B 26 -16.75 8.34 -3.85
CA GLU B 26 -17.02 8.46 -5.28
C GLU B 26 -17.71 9.79 -5.55
N LYS B 27 -18.53 10.22 -4.59
CA LYS B 27 -19.22 11.50 -4.67
C LYS B 27 -18.23 12.66 -4.68
N ILE B 28 -17.32 12.66 -3.72
CA ILE B 28 -16.33 13.72 -3.57
C ILE B 28 -15.42 13.80 -4.80
N LEU B 29 -14.89 12.65 -5.20
CA LEU B 29 -13.95 12.58 -6.31
C LEU B 29 -14.60 12.92 -7.65
N SER B 30 -15.90 12.69 -7.75
CA SER B 30 -16.64 13.02 -8.97
C SER B 30 -16.79 14.52 -9.12
N LYS B 31 -17.08 15.20 -8.01
CA LYS B 31 -17.20 16.64 -8.00
C LYS B 31 -15.84 17.28 -8.18
N LYS B 32 -14.79 16.53 -7.87
CA LYS B 32 -13.43 17.02 -7.96
C LYS B 32 -12.94 17.09 -9.41
N VAL B 33 -13.30 16.07 -10.19
CA VAL B 33 -12.81 15.97 -11.56
C VAL B 33 -13.82 16.51 -12.58
N GLY B 34 -15.08 16.62 -12.17
CA GLY B 34 -16.11 17.21 -13.00
C GLY B 34 -16.96 16.20 -13.77
N TYR B 35 -16.88 14.94 -13.36
CA TYR B 35 -17.68 13.89 -13.99
C TYR B 35 -17.86 12.69 -13.07
N GLU B 36 -18.87 11.88 -13.35
CA GLU B 36 -19.15 10.69 -12.55
C GLU B 36 -18.03 9.66 -12.67
N VAL B 37 -17.55 9.19 -11.53
CA VAL B 37 -16.48 8.19 -11.49
C VAL B 37 -16.85 7.02 -10.58
N CYS B 38 -16.38 5.83 -10.93
CA CYS B 38 -16.70 4.63 -10.17
C CYS B 38 -15.47 4.08 -9.47
N ALA B 39 -15.69 3.21 -8.48
CA ALA B 39 -14.60 2.58 -7.74
C ALA B 39 -13.78 1.68 -8.65
N GLY B 40 -12.47 1.83 -8.59
CA GLY B 40 -11.57 1.04 -9.42
C GLY B 40 -10.95 1.86 -10.53
N ASP B 41 -11.57 3.00 -10.83
CA ASP B 41 -11.07 3.88 -11.87
C ASP B 41 -9.81 4.62 -11.42
N SER B 42 -9.04 5.09 -12.39
CA SER B 42 -7.83 5.87 -12.10
C SER B 42 -7.96 7.26 -12.72
N ILE B 43 -8.11 8.28 -11.87
CA ILE B 43 -8.35 9.64 -12.34
C ILE B 43 -7.29 10.62 -11.85
N GLU B 44 -7.12 11.71 -12.59
CA GLU B 44 -6.22 12.79 -12.21
C GLU B 44 -6.96 13.77 -11.30
N VAL B 45 -6.46 13.94 -10.09
CA VAL B 45 -7.11 14.81 -9.12
C VAL B 45 -6.24 16.00 -8.73
N GLU B 46 -6.83 17.19 -8.74
CA GLU B 46 -6.14 18.40 -8.33
C GLU B 46 -6.06 18.47 -6.81
N VAL B 47 -4.88 18.79 -6.29
CA VAL B 47 -4.65 18.82 -4.85
C VAL B 47 -4.97 20.17 -4.25
N ASP B 48 -5.85 20.18 -3.24
CA ASP B 48 -6.22 21.40 -2.56
C ASP B 48 -5.31 21.68 -1.37
N LEU B 49 -4.66 20.63 -0.88
CA LEU B 49 -3.84 20.75 0.32
C LEU B 49 -2.71 19.73 0.33
N ALA B 50 -1.48 20.21 0.32
CA ALA B 50 -0.31 19.34 0.35
C ALA B 50 0.51 19.58 1.62
N MET B 51 1.00 18.51 2.24
CA MET B 51 1.67 18.64 3.53
C MET B 51 2.74 17.58 3.78
N THR B 52 3.88 18.02 4.33
CA THR B 52 4.91 17.11 4.82
C THR B 52 5.44 17.61 6.15
N HIS B 53 5.99 16.71 6.96
CA HIS B 53 6.52 17.11 8.25
C HIS B 53 8.03 16.89 8.35
N ASP B 54 8.58 17.08 9.55
CA ASP B 54 10.02 17.05 9.79
C ASP B 54 10.70 15.74 9.41
N GLY B 55 9.91 14.69 9.21
CA GLY B 55 10.45 13.39 8.85
C GLY B 55 10.32 13.07 7.37
N THR B 56 9.28 13.62 6.73
CA THR B 56 9.00 13.31 5.34
C THR B 56 9.32 14.47 4.39
N THR B 57 9.61 15.64 4.95
CA THR B 57 9.99 16.80 4.15
C THR B 57 11.36 16.67 3.44
N PRO B 58 12.42 16.24 4.17
CA PRO B 58 13.73 16.18 3.52
C PRO B 58 13.77 15.35 2.24
N LEU B 59 13.26 14.12 2.29
CA LEU B 59 13.25 13.25 1.11
C LEU B 59 12.39 13.84 0.00
N ALA B 60 11.28 14.46 0.38
CA ALA B 60 10.40 15.10 -0.59
C ALA B 60 11.07 16.34 -1.18
N TYR B 61 11.85 17.03 -0.35
CA TYR B 61 12.58 18.21 -0.78
C TYR B 61 13.73 17.84 -1.71
N LYS B 62 14.46 16.78 -1.36
CA LYS B 62 15.58 16.31 -2.18
C LYS B 62 15.13 15.95 -3.58
N ALA B 63 13.98 15.30 -3.68
CA ALA B 63 13.43 14.90 -4.98
C ALA B 63 12.91 16.10 -5.75
N LEU B 64 12.43 17.11 -5.01
CA LEU B 64 11.86 18.30 -5.63
C LEU B 64 12.94 19.16 -6.28
N LYS B 65 14.14 19.12 -5.72
CA LYS B 65 15.28 19.86 -6.26
C LYS B 65 15.64 19.37 -7.66
N GLU B 66 15.59 18.05 -7.84
CA GLU B 66 15.96 17.43 -9.10
C GLU B 66 14.91 17.67 -10.17
N MET B 67 13.70 18.01 -9.74
CA MET B 67 12.57 18.12 -10.65
C MET B 67 12.18 19.55 -11.00
N SER B 68 11.85 20.35 -9.99
CA SER B 68 11.34 21.70 -10.24
C SER B 68 12.14 22.78 -9.51
N ASP B 69 12.04 24.01 -9.98
CA ASP B 69 12.70 25.14 -9.36
C ASP B 69 11.71 25.93 -8.49
N SER B 70 10.47 25.47 -8.46
CA SER B 70 9.43 26.14 -7.69
C SER B 70 8.24 25.22 -7.44
N VAL B 71 7.31 25.69 -6.61
CA VAL B 71 6.09 24.93 -6.33
C VAL B 71 4.91 25.54 -7.08
N TRP B 72 3.77 24.86 -7.07
CA TRP B 72 2.61 25.31 -7.82
C TRP B 72 1.78 26.33 -7.04
N ASN B 73 1.79 26.19 -5.71
CA ASN B 73 1.02 27.07 -4.85
C ASN B 73 1.47 26.95 -3.40
N PRO B 74 2.28 27.92 -2.94
CA PRO B 74 2.83 27.90 -1.58
C PRO B 74 1.75 28.10 -0.52
N ASP B 75 0.59 28.63 -0.91
CA ASP B 75 -0.51 28.82 0.02
C ASP B 75 -1.25 27.53 0.31
N LYS B 76 -1.02 26.51 -0.51
CA LYS B 76 -1.67 25.23 -0.34
C LYS B 76 -0.69 24.18 0.18
N ILE B 77 0.50 24.63 0.57
CA ILE B 77 1.54 23.75 1.07
C ILE B 77 1.83 24.02 2.55
N VAL B 78 1.63 23.01 3.38
CA VAL B 78 1.87 23.14 4.82
C VAL B 78 3.03 22.30 5.29
N VAL B 79 3.90 22.89 6.10
CA VAL B 79 5.02 22.17 6.70
C VAL B 79 5.04 22.37 8.21
N ALA B 80 5.09 21.28 8.96
CA ALA B 80 5.07 21.34 10.41
C ALA B 80 6.11 20.44 11.05
N PHE B 81 6.63 20.86 12.20
CA PHE B 81 7.58 20.06 12.96
C PHE B 81 6.88 19.47 14.18
N ASP B 82 6.76 18.15 14.22
CA ASP B 82 5.98 17.50 15.27
C ASP B 82 6.56 16.17 15.76
N HIS B 83 7.41 15.56 14.95
CA HIS B 83 7.97 14.25 15.30
C HIS B 83 9.12 14.34 16.30
N ASN B 84 10.09 15.19 16.01
CA ASN B 84 11.23 15.39 16.90
C ASN B 84 11.35 16.83 17.34
N VAL B 85 10.50 17.24 18.28
CA VAL B 85 10.48 18.62 18.74
C VAL B 85 10.57 18.73 20.26
N PRO B 86 11.64 19.38 20.76
CA PRO B 86 12.77 19.89 19.99
C PRO B 86 13.70 18.75 19.59
N PRO B 87 14.59 18.97 18.60
CA PRO B 87 15.50 17.93 18.10
C PRO B 87 16.21 17.15 19.19
N ASN B 88 15.89 15.87 19.30
CA ASN B 88 16.45 15.00 20.33
C ASN B 88 17.71 14.28 19.87
N THR B 89 17.96 14.29 18.56
CA THR B 89 19.18 13.71 18.02
C THR B 89 19.83 14.67 17.03
N VAL B 90 21.10 14.44 16.73
CA VAL B 90 21.81 15.23 15.74
C VAL B 90 21.18 15.03 14.38
N LYS B 91 20.79 13.79 14.10
CA LYS B 91 20.18 13.43 12.82
C LYS B 91 18.84 14.12 12.62
N ALA B 92 18.03 14.15 13.66
CA ALA B 92 16.73 14.82 13.61
C ALA B 92 16.93 16.32 13.46
N ALA B 93 18.00 16.83 14.05
CA ALA B 93 18.35 18.24 13.93
C ALA B 93 18.77 18.57 12.50
N GLU B 94 19.38 17.58 11.84
CA GLU B 94 19.79 17.74 10.44
C GLU B 94 18.60 17.61 9.52
N MET B 95 17.57 16.90 9.97
CA MET B 95 16.35 16.73 9.20
C MET B 95 15.58 18.05 9.12
N GLN B 96 15.35 18.67 10.27
CA GLN B 96 14.65 19.94 10.33
C GLN B 96 15.47 21.04 9.70
N LYS B 97 16.80 20.92 9.80
CA LYS B 97 17.73 21.84 9.15
C LYS B 97 17.52 21.79 7.65
N LEU B 98 17.36 20.57 7.12
CA LEU B 98 17.17 20.37 5.70
C LEU B 98 15.76 20.81 5.28
N ALA B 99 14.81 20.62 6.18
CA ALA B 99 13.43 21.02 5.92
C ALA B 99 13.30 22.54 5.94
N LEU B 100 14.19 23.17 6.69
CA LEU B 100 14.23 24.64 6.77
C LEU B 100 14.57 25.24 5.41
N GLU B 101 15.43 24.55 4.67
CA GLU B 101 15.84 25.01 3.34
C GLU B 101 14.70 24.86 2.35
N PHE B 102 13.87 23.84 2.55
CA PHE B 102 12.70 23.64 1.71
C PHE B 102 11.75 24.83 1.81
N VAL B 103 11.61 25.35 3.02
CA VAL B 103 10.79 26.54 3.25
C VAL B 103 11.45 27.75 2.61
N LYS B 104 12.77 27.86 2.76
CA LYS B 104 13.52 28.98 2.19
C LYS B 104 13.56 28.93 0.67
N ARG B 105 14.02 27.80 0.14
CA ARG B 105 14.29 27.68 -1.29
C ARG B 105 13.04 27.64 -2.15
N PHE B 106 11.88 27.47 -1.51
CA PHE B 106 10.62 27.42 -2.23
C PHE B 106 9.60 28.43 -1.72
N GLY B 107 10.01 29.22 -0.73
CA GLY B 107 9.17 30.27 -0.18
C GLY B 107 7.85 29.75 0.39
N ILE B 108 7.94 28.88 1.38
CA ILE B 108 6.76 28.31 2.01
C ILE B 108 6.27 29.17 3.17
N LYS B 109 5.15 29.85 2.98
CA LYS B 109 4.60 30.72 4.00
C LYS B 109 3.93 29.93 5.12
N ASN B 110 3.26 28.85 4.76
CA ASN B 110 2.59 28.01 5.74
C ASN B 110 3.54 27.02 6.40
N PHE B 111 4.55 27.55 7.08
CA PHE B 111 5.52 26.72 7.79
C PHE B 111 5.32 26.83 9.29
N HIS B 112 5.13 25.69 9.94
CA HIS B 112 4.89 25.65 11.37
C HIS B 112 6.06 25.05 12.13
N LYS B 113 6.74 25.87 12.91
CA LYS B 113 7.93 25.45 13.64
C LYS B 113 7.59 24.46 14.76
N GLY B 114 8.62 24.08 15.51
CA GLY B 114 8.43 23.21 16.65
C GLY B 114 7.64 23.89 17.74
N GLY B 115 6.60 23.23 18.24
CA GLY B 115 5.76 23.81 19.26
C GLY B 115 4.39 24.16 18.72
N GLU B 116 4.31 24.38 17.41
CA GLU B 116 3.04 24.70 16.76
C GLU B 116 2.05 23.56 16.92
N GLY B 117 2.56 22.33 16.88
CA GLY B 117 1.73 21.17 17.15
C GLY B 117 1.81 20.09 16.09
N ILE B 118 1.04 19.03 16.30
CA ILE B 118 0.99 17.92 15.35
C ILE B 118 0.43 18.38 14.01
N CYS B 119 1.03 17.89 12.94
CA CYS B 119 0.70 18.31 11.59
C CYS B 119 -0.79 18.22 11.26
N HIS B 120 -1.39 17.07 11.57
CA HIS B 120 -2.79 16.84 11.26
C HIS B 120 -3.73 17.72 12.08
N GLN B 121 -3.29 18.05 13.30
CA GLN B 121 -4.08 18.93 14.16
C GLN B 121 -4.03 20.35 13.63
N ILE B 122 -2.87 20.75 13.11
CA ILE B 122 -2.70 22.07 12.51
C ILE B 122 -3.54 22.19 11.24
N LEU B 123 -3.52 21.14 10.43
CA LEU B 123 -4.30 21.09 9.21
C LEU B 123 -5.80 21.16 9.48
N ALA B 124 -6.21 20.57 10.59
CA ALA B 124 -7.63 20.50 10.93
C ALA B 124 -8.20 21.84 11.41
N GLU B 125 -7.43 22.52 12.26
CA GLU B 125 -7.93 23.73 12.91
C GLU B 125 -7.68 25.00 12.10
N ASN B 126 -7.10 24.85 10.92
CA ASN B 126 -6.72 26.02 10.13
C ASN B 126 -6.85 25.89 8.61
N TYR B 127 -6.86 24.66 8.10
CA TYR B 127 -6.76 24.47 6.66
C TYR B 127 -7.89 23.64 6.01
N VAL B 128 -8.02 22.39 6.44
CA VAL B 128 -8.89 21.43 5.75
C VAL B 128 -10.36 21.86 5.64
N LEU B 129 -10.83 21.96 4.40
CA LEU B 129 -12.23 22.27 4.12
C LEU B 129 -12.92 21.02 3.54
N PRO B 130 -14.25 20.94 3.66
CA PRO B 130 -15.01 19.84 3.07
C PRO B 130 -14.82 19.76 1.56
N ASN B 131 -14.96 18.55 1.03
CA ASN B 131 -14.82 18.29 -0.41
C ASN B 131 -13.42 18.50 -0.98
N MET B 132 -12.44 18.72 -0.09
CA MET B 132 -11.06 18.90 -0.51
C MET B 132 -10.38 17.56 -0.78
N PHE B 133 -9.32 17.61 -1.58
CA PHE B 133 -8.44 16.45 -1.74
C PHE B 133 -7.12 16.74 -1.03
N VAL B 134 -6.98 16.21 0.19
CA VAL B 134 -5.80 16.46 0.99
C VAL B 134 -4.72 15.42 0.74
N ALA B 135 -3.53 15.87 0.37
CA ALA B 135 -2.39 14.98 0.18
C ALA B 135 -1.35 15.26 1.25
N GLY B 136 -0.99 14.24 2.02
CA GLY B 136 -0.06 14.42 3.12
C GLY B 136 1.09 13.44 3.12
N GLY B 137 2.24 13.92 3.58
CA GLY B 137 3.41 13.08 3.73
C GLY B 137 3.38 12.37 5.08
N ASP B 138 2.30 11.64 5.32
CA ASP B 138 2.13 10.90 6.58
C ASP B 138 1.06 9.84 6.39
N SER B 139 1.19 8.74 7.13
CA SER B 139 0.26 7.62 6.99
C SER B 139 -1.13 7.94 7.54
N HIS B 140 -1.18 8.81 8.53
CA HIS B 140 -2.45 9.15 9.18
C HIS B 140 -3.06 10.45 8.66
N THR B 141 -2.85 10.71 7.37
CA THR B 141 -3.47 11.86 6.72
C THR B 141 -4.96 11.62 6.57
N CYS B 142 -5.36 10.35 6.69
CA CYS B 142 -6.76 9.95 6.58
C CYS B 142 -7.65 10.60 7.65
N THR B 143 -7.02 11.22 8.64
CA THR B 143 -7.72 11.88 9.74
C THR B 143 -8.68 12.96 9.26
N HIS B 144 -8.28 13.68 8.21
CA HIS B 144 -9.03 14.82 7.72
C HIS B 144 -10.22 14.43 6.84
N GLY B 145 -10.59 13.15 6.88
CA GLY B 145 -11.77 12.69 6.15
C GLY B 145 -13.03 13.00 6.92
N ALA B 146 -12.85 13.46 8.16
CA ALA B 146 -13.98 13.81 9.02
C ALA B 146 -14.66 15.08 8.55
N PHE B 147 -13.92 15.90 7.80
CA PHE B 147 -14.44 17.16 7.27
C PHE B 147 -15.31 16.93 6.04
N GLY B 148 -15.31 15.70 5.54
CA GLY B 148 -16.02 15.38 4.31
C GLY B 148 -15.09 15.52 3.13
N ALA B 149 -13.79 15.39 3.40
CA ALA B 149 -12.77 15.51 2.36
C ALA B 149 -12.11 14.17 2.10
N PHE B 150 -11.46 14.03 0.96
CA PHE B 150 -10.74 12.82 0.65
C PHE B 150 -9.25 13.03 0.94
N ALA B 151 -8.78 12.40 2.01
CA ALA B 151 -7.40 12.58 2.44
C ALA B 151 -6.66 11.26 2.56
N THR B 152 -5.56 11.13 1.83
CA THR B 152 -4.74 9.93 1.88
C THR B 152 -3.27 10.27 2.03
N GLY B 153 -2.47 9.28 2.41
CA GLY B 153 -1.04 9.48 2.57
C GLY B 153 -0.29 9.13 1.29
N PHE B 154 0.85 9.80 1.10
CA PHE B 154 1.68 9.57 -0.08
C PHE B 154 3.14 9.47 0.28
N GLY B 155 3.91 8.77 -0.55
CA GLY B 155 5.34 8.66 -0.35
C GLY B 155 6.04 9.98 -0.59
N ALA B 156 7.29 10.07 -0.15
CA ALA B 156 8.07 11.30 -0.29
C ALA B 156 8.26 11.69 -1.75
N THR B 157 8.47 10.68 -2.60
CA THR B 157 8.63 10.92 -4.03
C THR B 157 7.32 11.39 -4.66
N ASP B 158 6.20 10.85 -4.19
CA ASP B 158 4.90 11.24 -4.68
C ASP B 158 4.56 12.67 -4.28
N MET B 159 4.87 13.02 -3.03
CA MET B 159 4.60 14.35 -2.51
C MET B 159 5.41 15.42 -3.24
N ALA B 160 6.58 15.03 -3.75
CA ALA B 160 7.44 15.95 -4.49
C ALA B 160 6.76 16.42 -5.76
N TYR B 161 6.15 15.49 -6.48
CA TYR B 161 5.43 15.81 -7.71
C TYR B 161 4.19 16.64 -7.41
N ILE B 162 3.55 16.35 -6.27
CA ILE B 162 2.38 17.10 -5.83
C ILE B 162 2.77 18.55 -5.53
N TYR B 163 3.94 18.73 -4.93
CA TYR B 163 4.45 20.06 -4.62
C TYR B 163 4.75 20.85 -5.88
N ALA B 164 5.19 20.15 -6.93
CA ALA B 164 5.65 20.82 -8.15
C ALA B 164 4.53 21.09 -9.15
N THR B 165 3.43 20.34 -9.05
CA THR B 165 2.37 20.44 -10.04
C THR B 165 1.00 20.73 -9.43
N GLY B 166 0.79 20.29 -8.20
CA GLY B 166 -0.51 20.42 -7.56
C GLY B 166 -1.47 19.38 -8.07
N GLU B 167 -0.93 18.36 -8.73
CA GLU B 167 -1.74 17.29 -9.29
C GLU B 167 -1.21 15.94 -8.82
N THR B 168 -2.03 14.91 -8.98
CA THR B 168 -1.65 13.55 -8.68
C THR B 168 -2.70 12.58 -9.21
N TRP B 169 -2.29 11.33 -9.42
CA TRP B 169 -3.21 10.30 -9.88
C TRP B 169 -3.56 9.35 -8.74
N ILE B 170 -4.84 9.03 -8.61
CA ILE B 170 -5.29 8.14 -7.54
C ILE B 170 -6.39 7.20 -8.01
N LYS B 171 -6.40 5.99 -7.47
CA LYS B 171 -7.39 5.00 -7.83
C LYS B 171 -8.56 5.06 -6.86
N VAL B 172 -9.77 5.25 -7.40
CA VAL B 172 -10.98 5.34 -6.59
C VAL B 172 -11.21 4.03 -5.85
N PRO B 173 -11.07 4.06 -4.52
CA PRO B 173 -11.13 2.85 -3.69
C PRO B 173 -12.55 2.39 -3.40
N LYS B 174 -12.69 1.13 -3.02
CA LYS B 174 -13.98 0.60 -2.59
C LYS B 174 -14.34 1.19 -1.24
N THR B 175 -15.60 1.01 -0.83
CA THR B 175 -16.08 1.63 0.40
C THR B 175 -16.68 0.64 1.39
N ILE B 176 -16.22 0.71 2.63
CA ILE B 176 -16.82 -0.04 3.72
C ILE B 176 -17.71 0.88 4.56
N ARG B 177 -19.01 0.63 4.52
CA ARG B 177 -19.96 1.43 5.29
C ARG B 177 -20.04 0.97 6.73
N VAL B 178 -19.75 1.87 7.66
CA VAL B 178 -19.83 1.56 9.07
C VAL B 178 -20.92 2.38 9.75
N ASP B 179 -22.03 1.73 10.07
CA ASP B 179 -23.15 2.40 10.72
C ASP B 179 -23.08 2.25 12.24
N ILE B 180 -22.88 3.37 12.93
CA ILE B 180 -22.82 3.35 14.38
C ILE B 180 -24.11 3.89 14.97
N VAL B 181 -24.90 3.01 15.56
CA VAL B 181 -26.21 3.38 16.08
C VAL B 181 -26.28 3.12 17.59
N GLY B 182 -27.30 3.67 18.24
CA GLY B 182 -27.47 3.54 19.67
C GLY B 182 -26.98 4.78 20.38
N LYS B 183 -27.01 4.76 21.71
CA LYS B 183 -26.52 5.91 22.48
C LYS B 183 -25.89 5.49 23.81
N ASN B 184 -24.69 6.02 24.05
CA ASN B 184 -23.95 5.72 25.27
C ASN B 184 -23.10 6.91 25.67
N GLU B 185 -23.50 7.60 26.72
CA GLU B 185 -22.82 8.81 27.16
C GLU B 185 -21.64 8.50 28.08
N ASN B 186 -21.46 7.23 28.40
CA ASN B 186 -20.39 6.81 29.31
C ASN B 186 -19.11 6.48 28.56
N VAL B 187 -19.16 6.52 27.23
CA VAL B 187 -18.00 6.21 26.41
C VAL B 187 -17.62 7.38 25.51
N SER B 188 -16.37 7.39 25.07
CA SER B 188 -15.87 8.44 24.18
C SER B 188 -15.73 7.91 22.78
N ALA B 189 -15.25 8.76 21.87
CA ALA B 189 -15.10 8.39 20.48
C ALA B 189 -14.00 7.35 20.29
N LYS B 190 -13.00 7.38 21.16
CA LYS B 190 -11.90 6.42 21.09
C LYS B 190 -12.39 5.03 21.47
N ASP B 191 -13.32 4.98 22.42
CA ASP B 191 -13.92 3.70 22.82
C ASP B 191 -14.70 3.12 21.66
N ILE B 192 -15.31 3.99 20.86
CA ILE B 192 -16.11 3.57 19.72
C ILE B 192 -15.23 3.08 18.57
N VAL B 193 -14.19 3.85 18.25
CA VAL B 193 -13.32 3.52 17.13
C VAL B 193 -12.51 2.25 17.40
N LEU B 194 -12.26 1.96 18.68
CA LEU B 194 -11.60 0.71 19.05
C LEU B 194 -12.56 -0.45 18.83
N ARG B 195 -13.83 -0.21 19.12
CA ARG B 195 -14.88 -1.21 18.90
C ARG B 195 -14.99 -1.54 17.41
N VAL B 196 -14.85 -0.52 16.57
CA VAL B 196 -14.90 -0.70 15.12
C VAL B 196 -13.68 -1.47 14.63
N CYS B 197 -12.52 -1.19 15.22
CA CYS B 197 -11.29 -1.88 14.87
C CYS B 197 -11.36 -3.37 15.20
N LYS B 198 -12.15 -3.72 16.21
CA LYS B 198 -12.27 -5.10 16.64
C LYS B 198 -13.08 -5.94 15.67
N GLU B 199 -14.26 -5.45 15.31
CA GLU B 199 -15.14 -6.17 14.40
C GLU B 199 -14.56 -6.31 13.01
N ILE B 200 -13.78 -5.31 12.60
CA ILE B 200 -13.26 -5.27 11.23
C ILE B 200 -11.85 -5.87 11.14
N GLY B 201 -10.99 -5.53 12.09
CA GLY B 201 -9.65 -6.09 12.14
C GLY B 201 -8.60 -5.16 11.55
N ARG B 202 -7.33 -5.57 11.65
CA ARG B 202 -6.23 -4.75 11.17
C ARG B 202 -6.04 -4.88 9.67
N ARG B 203 -6.78 -5.78 9.05
CA ARG B 203 -6.68 -6.01 7.62
C ARG B 203 -8.05 -5.99 6.95
N GLY B 204 -9.08 -5.76 7.76
CA GLY B 204 -10.46 -5.83 7.27
C GLY B 204 -10.84 -4.78 6.25
N ALA B 205 -10.22 -3.61 6.35
CA ALA B 205 -10.56 -2.50 5.45
C ALA B 205 -9.44 -2.22 4.45
N THR B 206 -8.67 -3.24 4.12
CA THR B 206 -7.53 -3.10 3.22
C THR B 206 -7.96 -2.56 1.85
N TYR B 207 -7.24 -1.54 1.37
CA TYR B 207 -7.49 -0.92 0.07
C TYR B 207 -8.85 -0.22 0.00
N MET B 208 -9.52 -0.09 1.13
CA MET B 208 -10.89 0.43 1.15
C MET B 208 -11.06 1.64 2.06
N ALA B 209 -11.90 2.58 1.63
CA ALA B 209 -12.21 3.76 2.43
C ALA B 209 -13.26 3.40 3.47
N ILE B 210 -13.07 3.92 4.68
CA ILE B 210 -13.99 3.61 5.78
C ILE B 210 -14.98 4.74 5.99
N GLU B 211 -16.15 4.60 5.38
CA GLU B 211 -17.19 5.63 5.46
C GLU B 211 -18.04 5.46 6.71
N TYR B 212 -17.82 6.33 7.68
CA TYR B 212 -18.59 6.29 8.92
C TYR B 212 -19.91 7.03 8.76
N GLY B 213 -20.92 6.59 9.52
CA GLY B 213 -22.22 7.21 9.47
C GLY B 213 -23.16 6.61 10.51
N GLY B 214 -24.34 7.20 10.64
CA GLY B 214 -25.33 6.70 11.57
C GLY B 214 -25.76 7.72 12.60
N GLU B 215 -26.52 7.24 13.60
CA GLU B 215 -27.06 8.10 14.64
C GLU B 215 -25.96 8.70 15.52
N VAL B 216 -24.96 7.88 15.85
CA VAL B 216 -23.87 8.32 16.71
C VAL B 216 -22.95 9.30 15.99
N VAL B 217 -22.58 8.96 14.76
CA VAL B 217 -21.66 9.78 13.97
C VAL B 217 -22.20 11.19 13.71
N LYS B 218 -23.50 11.28 13.46
CA LYS B 218 -24.14 12.57 13.23
C LYS B 218 -24.18 13.42 14.50
N ASN B 219 -24.29 12.76 15.65
CA ASN B 219 -24.35 13.44 16.92
C ASN B 219 -22.99 13.56 17.59
N MET B 220 -21.98 12.95 16.98
CA MET B 220 -20.62 13.00 17.49
C MET B 220 -19.96 14.33 17.14
N ASP B 221 -19.27 14.92 18.11
CA ASP B 221 -18.59 16.19 17.89
C ASP B 221 -17.44 16.05 16.90
N MET B 222 -16.88 17.18 16.48
CA MET B 222 -15.85 17.18 15.44
C MET B 222 -14.53 16.59 15.94
N ASP B 223 -14.27 16.74 17.24
CA ASP B 223 -13.08 16.16 17.86
C ASP B 223 -13.17 14.65 17.81
N GLY B 224 -14.39 14.13 17.92
CA GLY B 224 -14.62 12.70 17.90
C GLY B 224 -14.55 12.12 16.50
N ARG B 225 -15.01 12.89 15.52
CA ARG B 225 -14.99 12.44 14.13
C ARG B 225 -13.56 12.31 13.62
N LEU B 226 -12.69 13.22 14.06
CA LEU B 226 -11.29 13.18 13.70
C LEU B 226 -10.60 11.97 14.31
N THR B 227 -11.15 11.49 15.42
CA THR B 227 -10.62 10.31 16.09
C THR B 227 -10.92 9.04 15.30
N LEU B 228 -12.14 8.97 14.77
CA LEU B 228 -12.57 7.80 14.01
C LEU B 228 -11.87 7.66 12.67
N CYS B 229 -11.70 8.77 11.96
CA CYS B 229 -11.07 8.76 10.66
C CYS B 229 -9.56 8.56 10.77
N ASN B 230 -9.01 8.88 11.93
CA ASN B 230 -7.57 8.79 12.16
C ASN B 230 -7.06 7.36 12.21
N MET B 231 -7.82 6.48 12.86
CA MET B 231 -7.41 5.10 13.03
C MET B 231 -7.86 4.22 11.87
N ALA B 232 -8.13 4.85 10.72
CA ALA B 232 -8.55 4.13 9.53
C ALA B 232 -7.42 3.25 9.00
N ILE B 233 -6.18 3.73 9.15
CA ILE B 233 -5.01 2.99 8.68
C ILE B 233 -4.77 1.75 9.53
N GLU B 234 -5.17 1.80 10.80
CA GLU B 234 -5.01 0.66 11.70
C GLU B 234 -5.94 -0.49 11.38
N MET B 235 -6.85 -0.26 10.43
CA MET B 235 -7.76 -1.29 9.98
C MET B 235 -7.45 -1.64 8.52
N GLY B 236 -6.31 -1.18 8.04
CA GLY B 236 -5.89 -1.43 6.68
C GLY B 236 -6.47 -0.45 5.69
N GLY B 237 -7.32 0.44 6.20
CA GLY B 237 -8.03 1.40 5.35
C GLY B 237 -7.11 2.33 4.59
N LYS B 238 -7.45 2.55 3.31
CA LYS B 238 -6.74 3.52 2.50
C LYS B 238 -6.99 4.90 3.06
N THR B 239 -8.19 5.12 3.57
CA THR B 239 -8.57 6.37 4.21
C THR B 239 -9.86 6.19 4.99
N GLY B 240 -10.26 7.25 5.70
CA GLY B 240 -11.53 7.29 6.40
C GLY B 240 -12.26 8.55 6.02
N VAL B 241 -13.59 8.49 5.98
CA VAL B 241 -14.37 9.66 5.57
C VAL B 241 -15.72 9.75 6.27
N ILE B 242 -16.08 10.96 6.69
CA ILE B 242 -17.36 11.22 7.34
C ILE B 242 -18.05 12.38 6.63
N GLU B 243 -19.36 12.22 6.40
CA GLU B 243 -20.15 13.22 5.69
C GLU B 243 -20.10 14.60 6.37
N ALA B 244 -19.99 15.64 5.55
CA ALA B 244 -19.97 17.01 6.05
C ALA B 244 -21.29 17.35 6.72
N ASP B 245 -21.22 18.03 7.85
CA ASP B 245 -22.41 18.29 8.66
C ASP B 245 -22.41 19.71 9.20
N GLU B 246 -23.38 20.01 10.05
CA GLU B 246 -23.46 21.32 10.69
C GLU B 246 -22.39 21.44 11.76
N ILE B 247 -22.10 20.31 12.42
CA ILE B 247 -21.02 20.26 13.39
C ILE B 247 -19.70 20.56 12.71
N THR B 248 -19.57 20.10 11.47
CA THR B 248 -18.40 20.38 10.65
C THR B 248 -18.29 21.87 10.39
N TYR B 249 -19.44 22.49 10.10
CA TYR B 249 -19.48 23.91 9.76
C TYR B 249 -19.26 24.78 11.00
N ASP B 250 -19.83 24.37 12.13
CA ASP B 250 -19.67 25.11 13.38
C ASP B 250 -18.22 25.03 13.85
N TYR B 251 -17.58 23.90 13.59
CA TYR B 251 -16.17 23.73 13.90
C TYR B 251 -15.34 24.70 13.07
N LEU B 252 -15.75 24.87 11.80
CA LEU B 252 -15.10 25.79 10.89
C LEU B 252 -15.36 27.23 11.30
N LYS B 253 -16.45 27.44 12.03
CA LYS B 253 -16.77 28.76 12.56
C LYS B 253 -15.93 29.04 13.80
N LYS B 254 -15.65 28.00 14.57
CA LYS B 254 -14.95 28.14 15.84
C LYS B 254 -13.44 28.25 15.69
N GLU B 255 -12.84 27.27 15.02
CA GLU B 255 -11.38 27.20 14.91
C GLU B 255 -10.83 28.21 13.92
N ARG B 256 -11.69 28.75 13.08
CA ARG B 256 -11.28 29.70 12.06
C ARG B 256 -12.37 30.72 11.78
N GLY B 257 -11.98 31.89 11.27
CA GLY B 257 -12.92 32.98 11.06
C GLY B 257 -13.67 32.88 9.74
N LEU B 258 -14.33 31.75 9.53
CA LEU B 258 -15.13 31.55 8.32
C LEU B 258 -16.40 32.38 8.36
N SER B 259 -16.53 33.28 7.39
CA SER B 259 -17.71 34.13 7.30
C SER B 259 -18.94 33.33 6.91
N ASP B 260 -20.11 33.92 7.14
CA ASP B 260 -21.37 33.26 6.80
C ASP B 260 -21.54 33.12 5.29
N GLU B 261 -20.89 34.00 4.53
CA GLU B 261 -20.90 33.91 3.08
C GLU B 261 -20.12 32.70 2.61
N ASP B 262 -19.16 32.27 3.42
CA ASP B 262 -18.34 31.12 3.10
C ASP B 262 -18.99 29.81 3.54
N ILE B 263 -19.77 29.88 4.61
CA ILE B 263 -20.52 28.72 5.09
C ILE B 263 -21.65 28.41 4.12
N ALA B 264 -22.35 29.44 3.69
CA ALA B 264 -23.43 29.29 2.72
C ALA B 264 -22.91 28.80 1.38
N LYS B 265 -21.75 29.32 0.99
CA LYS B 265 -21.10 28.90 -0.25
C LYS B 265 -20.67 27.44 -0.13
N LEU B 266 -20.39 27.02 1.10
CA LEU B 266 -19.97 25.65 1.36
C LEU B 266 -21.17 24.72 1.44
N LYS B 267 -22.31 25.25 1.85
CA LYS B 267 -23.53 24.47 1.97
C LYS B 267 -24.16 24.12 0.63
N LYS B 268 -23.95 24.98 -0.37
CA LYS B 268 -24.49 24.72 -1.70
C LYS B 268 -23.66 23.65 -2.41
N GLU B 269 -22.47 23.40 -1.89
CA GLU B 269 -21.59 22.38 -2.44
C GLU B 269 -21.56 21.16 -1.53
N ARG B 270 -22.43 21.16 -0.53
CA ARG B 270 -22.51 20.05 0.42
C ARG B 270 -22.89 18.75 -0.27
N ILE B 271 -22.19 17.69 0.10
CA ILE B 271 -22.41 16.38 -0.53
C ILE B 271 -23.03 15.39 0.45
N THR B 272 -24.19 14.85 0.08
CA THR B 272 -24.89 13.87 0.90
C THR B 272 -25.06 12.55 0.17
N VAL B 273 -25.43 11.50 0.89
CA VAL B 273 -25.63 10.18 0.31
C VAL B 273 -27.05 9.68 0.56
N ASN B 274 -27.76 9.36 -0.52
CA ASN B 274 -29.13 8.87 -0.43
C ASN B 274 -29.16 7.36 -0.13
N ARG B 275 -30.35 6.82 0.06
CA ARG B 275 -30.52 5.41 0.37
C ARG B 275 -30.44 4.52 -0.86
N ASP B 276 -29.60 3.49 -0.78
CA ASP B 276 -29.43 2.50 -1.83
C ASP B 276 -28.98 3.09 -3.18
N GLU B 277 -28.51 4.34 -3.14
CA GLU B 277 -27.93 4.96 -4.32
C GLU B 277 -26.45 4.62 -4.34
N ALA B 278 -25.98 4.01 -3.27
CA ALA B 278 -24.58 3.60 -3.14
C ALA B 278 -24.49 2.13 -2.78
N ASN B 279 -23.62 1.41 -3.48
CA ASN B 279 -23.38 0.00 -3.18
C ASN B 279 -22.00 -0.19 -2.54
N TYR B 280 -22.00 -0.64 -1.29
CA TYR B 280 -20.76 -0.80 -0.55
C TYR B 280 -20.22 -2.22 -0.65
N TYR B 281 -18.90 -2.35 -0.54
CA TYR B 281 -18.26 -3.66 -0.52
C TYR B 281 -18.74 -4.43 0.70
N LYS B 282 -18.65 -3.79 1.86
CA LYS B 282 -19.12 -4.38 3.11
C LYS B 282 -19.84 -3.31 3.93
N GLU B 283 -20.92 -3.71 4.60
CA GLU B 283 -21.69 -2.78 5.40
C GLU B 283 -21.88 -3.29 6.83
N ILE B 284 -20.94 -2.97 7.70
CA ILE B 284 -21.01 -3.38 9.10
C ILE B 284 -21.84 -2.39 9.90
N GLU B 285 -22.45 -2.87 10.99
CA GLU B 285 -23.26 -2.04 11.85
C GLU B 285 -22.95 -2.28 13.32
N ILE B 286 -22.73 -1.21 14.06
CA ILE B 286 -22.32 -1.32 15.46
C ILE B 286 -23.33 -0.69 16.42
N ASP B 287 -23.81 -1.49 17.37
CA ASP B 287 -24.68 -0.98 18.42
C ASP B 287 -23.81 -0.57 19.61
N ILE B 288 -23.88 0.70 19.99
CA ILE B 288 -22.95 1.27 20.96
C ILE B 288 -23.39 1.07 22.41
N THR B 289 -24.58 0.49 22.60
CA THR B 289 -25.12 0.26 23.94
C THR B 289 -25.11 -1.20 24.34
N ASP B 290 -24.70 -1.49 25.58
CA ASP B 290 -24.25 -0.46 26.51
C ASP B 290 -22.75 -0.24 26.43
N MET B 291 -22.05 -1.24 25.88
CA MET B 291 -20.62 -1.21 25.61
C MET B 291 -19.77 -0.37 26.56
N GLU B 292 -19.21 -1.01 27.58
CA GLU B 292 -18.33 -0.31 28.51
C GLU B 292 -17.06 0.14 27.80
N GLU B 293 -16.25 0.94 28.49
CA GLU B 293 -15.04 1.53 27.92
C GLU B 293 -14.12 0.49 27.30
N GLN B 294 -13.71 0.72 26.05
CA GLN B 294 -12.90 -0.24 25.32
C GLN B 294 -11.40 0.04 25.44
N VAL B 295 -10.63 -1.02 25.62
CA VAL B 295 -9.18 -0.90 25.76
C VAL B 295 -8.46 -1.87 24.83
N ALA B 296 -7.53 -1.35 24.05
CA ALA B 296 -6.74 -2.18 23.14
C ALA B 296 -5.59 -2.87 23.87
N VAL B 297 -5.36 -4.13 23.53
CA VAL B 297 -4.37 -4.95 24.20
C VAL B 297 -3.16 -5.18 23.29
N PRO B 298 -1.94 -5.09 23.85
CA PRO B 298 -0.72 -5.38 23.10
C PRO B 298 -0.74 -6.77 22.48
N HIS B 299 -0.14 -6.92 21.29
CA HIS B 299 0.55 -5.82 20.64
C HIS B 299 -0.08 -5.42 19.31
N HIS B 300 -1.40 -5.31 19.29
CA HIS B 300 -2.12 -4.90 18.09
C HIS B 300 -3.37 -4.09 18.44
N PRO B 301 -3.65 -3.05 17.65
CA PRO B 301 -4.77 -2.12 17.88
C PRO B 301 -6.14 -2.79 17.87
N ASP B 302 -6.26 -3.94 17.20
CA ASP B 302 -7.55 -4.62 17.10
C ASP B 302 -7.86 -5.49 18.32
N ASN B 303 -6.83 -5.84 19.08
CA ASN B 303 -7.02 -6.61 20.31
C ASN B 303 -7.73 -5.77 21.36
N VAL B 304 -9.03 -5.55 21.16
CA VAL B 304 -9.80 -4.67 22.04
C VAL B 304 -10.63 -5.46 23.04
N LYS B 305 -10.41 -5.18 24.32
CA LYS B 305 -11.17 -5.82 25.38
C LYS B 305 -11.89 -4.77 26.21
N PRO B 306 -13.04 -5.14 26.79
CA PRO B 306 -13.74 -4.23 27.70
C PRO B 306 -12.95 -4.02 28.99
N ILE B 307 -13.30 -2.97 29.74
CA ILE B 307 -12.58 -2.60 30.95
C ILE B 307 -12.52 -3.74 31.97
N SER B 308 -13.65 -4.44 32.13
CA SER B 308 -13.75 -5.52 33.10
C SER B 308 -12.78 -6.66 32.83
N ASP B 309 -12.42 -6.85 31.55
CA ASP B 309 -11.52 -7.94 31.18
C ASP B 309 -10.05 -7.60 31.38
N VAL B 310 -9.77 -6.32 31.62
CA VAL B 310 -8.40 -5.87 31.82
C VAL B 310 -8.26 -5.05 33.10
N GLU B 311 -9.15 -5.30 34.05
CA GLU B 311 -9.14 -4.57 35.31
C GLU B 311 -7.97 -5.00 36.19
N GLY B 312 -7.37 -4.04 36.88
CA GLY B 312 -6.31 -4.33 37.83
C GLY B 312 -4.93 -4.41 37.19
N THR B 313 -4.86 -4.20 35.88
CA THR B 313 -3.58 -4.24 35.17
C THR B 313 -2.72 -3.04 35.52
N GLU B 314 -1.69 -3.27 36.32
CA GLU B 314 -0.78 -2.20 36.74
C GLU B 314 0.03 -1.67 35.55
N ILE B 315 0.15 -0.35 35.47
CA ILE B 315 0.94 0.28 34.41
C ILE B 315 2.06 1.14 34.99
N ASN B 316 3.09 1.37 34.20
CA ASN B 316 4.24 2.15 34.64
C ASN B 316 4.24 3.56 34.08
N GLN B 317 3.64 3.72 32.90
CA GLN B 317 3.60 5.01 32.24
C GLN B 317 2.23 5.27 31.61
N VAL B 318 1.77 6.51 31.69
CA VAL B 318 0.51 6.91 31.07
C VAL B 318 0.72 8.14 30.20
N PHE B 319 0.34 8.03 28.92
CA PHE B 319 0.50 9.13 27.99
C PHE B 319 -0.83 9.69 27.51
N ILE B 320 -0.97 11.01 27.60
CA ILE B 320 -2.17 11.68 27.11
C ILE B 320 -1.80 12.77 26.09
N GLY B 321 -2.00 12.45 24.82
CA GLY B 321 -1.71 13.38 23.75
C GLY B 321 -2.02 12.80 22.39
N SER B 322 -1.06 12.91 21.47
CA SER B 322 -1.17 12.38 20.11
C SER B 322 -2.32 13.02 19.30
N CYS B 323 -2.35 12.69 18.01
CA CYS B 323 -3.34 13.24 17.09
C CYS B 323 -4.73 12.66 17.36
N THR B 324 -4.76 11.48 17.98
CA THR B 324 -6.00 10.78 18.23
C THR B 324 -6.80 11.41 19.37
N ASN B 325 -6.12 11.74 20.46
CA ASN B 325 -6.77 12.33 21.62
C ASN B 325 -5.92 13.37 22.33
N GLY B 326 -5.52 14.40 21.58
CA GLY B 326 -4.70 15.47 22.13
C GLY B 326 -5.37 16.82 22.05
N ARG B 327 -6.62 16.83 21.58
CA ARG B 327 -7.36 18.08 21.43
C ARG B 327 -7.82 18.63 22.77
N LEU B 328 -8.43 19.80 22.75
CA LEU B 328 -8.80 20.52 23.96
C LEU B 328 -9.82 19.74 24.80
N SER B 329 -10.74 19.05 24.12
CA SER B 329 -11.78 18.28 24.81
C SER B 329 -11.21 17.02 25.47
N ASP B 330 -10.11 16.51 24.93
CA ASP B 330 -9.48 15.33 25.48
C ASP B 330 -8.72 15.66 26.77
N LEU B 331 -8.14 16.85 26.81
CA LEU B 331 -7.40 17.31 27.98
C LEU B 331 -8.37 17.74 29.06
N ARG B 332 -9.48 18.34 28.65
CA ARG B 332 -10.50 18.83 29.57
C ARG B 332 -11.13 17.70 30.37
N GLU B 333 -11.46 16.61 29.68
CA GLU B 333 -12.05 15.44 30.33
C GLU B 333 -11.04 14.82 31.29
N ALA B 334 -9.78 14.75 30.87
CA ALA B 334 -8.73 14.17 31.69
C ALA B 334 -8.42 15.03 32.91
N ALA B 335 -8.61 16.34 32.76
CA ALA B 335 -8.29 17.29 33.82
C ALA B 335 -9.30 17.25 34.96
N LYS B 336 -10.50 16.77 34.68
CA LYS B 336 -11.55 16.73 35.69
C LYS B 336 -11.45 15.48 36.57
N TYR B 337 -10.60 14.54 36.17
CA TYR B 337 -10.34 13.36 36.98
C TYR B 337 -9.00 13.48 37.70
N LEU B 338 -8.17 14.41 37.26
CA LEU B 338 -6.90 14.70 37.91
C LEU B 338 -7.02 15.96 38.76
N LYS B 339 -8.22 16.51 38.81
CA LYS B 339 -8.47 17.77 39.50
C LYS B 339 -8.31 17.64 41.02
N GLY B 340 -8.59 16.45 41.54
CA GLY B 340 -8.57 16.24 42.97
C GLY B 340 -7.33 15.55 43.51
N ARG B 341 -6.85 14.55 42.79
CA ARG B 341 -5.77 13.70 43.30
C ARG B 341 -4.41 14.00 42.66
N GLU B 342 -3.51 13.04 42.77
CA GLU B 342 -2.16 13.14 42.22
C GLU B 342 -1.81 11.82 41.54
N VAL B 343 -0.91 11.87 40.57
CA VAL B 343 -0.48 10.67 39.86
C VAL B 343 0.19 9.69 40.81
N HIS B 344 -0.11 8.41 40.64
CA HIS B 344 0.45 7.36 41.50
C HIS B 344 1.97 7.39 41.51
N LYS B 345 2.55 6.97 42.62
CA LYS B 345 3.99 7.04 42.83
C LYS B 345 4.78 6.23 41.80
N ASP B 346 4.26 5.06 41.44
CA ASP B 346 4.94 4.17 40.52
C ASP B 346 4.58 4.46 39.06
N VAL B 347 3.83 5.54 38.84
CA VAL B 347 3.36 5.89 37.51
C VAL B 347 3.83 7.28 37.10
N LYS B 348 4.34 7.39 35.87
CA LYS B 348 4.72 8.68 35.31
C LYS B 348 3.72 9.11 34.25
N LEU B 349 3.22 10.33 34.38
CA LEU B 349 2.21 10.85 33.46
C LEU B 349 2.79 11.88 32.49
N ILE B 350 2.60 11.63 31.20
CA ILE B 350 3.08 12.55 30.17
C ILE B 350 1.92 13.18 29.42
N VAL B 351 1.82 14.50 29.48
CA VAL B 351 0.74 15.22 28.83
C VAL B 351 1.27 16.15 27.74
N ILE B 352 0.79 15.96 26.51
CA ILE B 352 1.22 16.77 25.38
C ILE B 352 0.03 17.23 24.54
N PRO B 353 -0.29 18.53 24.62
CA PRO B 353 -1.36 19.13 23.81
C PRO B 353 -1.07 18.96 22.32
N ALA B 354 -2.11 18.79 21.52
CA ALA B 354 -1.94 18.50 20.10
C ALA B 354 -1.43 19.68 19.28
N SER B 355 -1.62 20.89 19.79
CA SER B 355 -1.18 22.08 19.06
C SER B 355 -0.89 23.28 19.95
N LYS B 356 -0.36 24.33 19.35
CA LYS B 356 -0.07 25.57 20.04
C LYS B 356 -1.35 26.23 20.52
N LYS B 357 -2.41 26.08 19.73
CA LYS B 357 -3.71 26.65 20.06
C LYS B 357 -4.36 25.90 21.22
N VAL B 358 -4.23 24.58 21.21
CA VAL B 358 -4.79 23.76 22.28
C VAL B 358 -4.06 24.04 23.59
N PHE B 359 -2.75 24.22 23.49
CA PHE B 359 -1.92 24.53 24.66
C PHE B 359 -2.36 25.83 25.31
N LEU B 360 -2.47 26.88 24.49
CA LEU B 360 -2.85 28.20 24.97
C LEU B 360 -4.22 28.21 25.65
N GLN B 361 -5.19 27.59 24.99
CA GLN B 361 -6.56 27.57 25.50
C GLN B 361 -6.68 26.73 26.77
N ALA B 362 -5.84 25.71 26.88
CA ALA B 362 -5.84 24.86 28.06
C ALA B 362 -5.05 25.50 29.20
N LEU B 363 -4.31 26.55 28.88
CA LEU B 363 -3.59 27.31 29.90
C LEU B 363 -4.55 28.23 30.65
N LYS B 364 -5.27 29.05 29.89
CA LYS B 364 -6.20 30.02 30.47
C LYS B 364 -7.35 29.33 31.18
N GLU B 365 -7.66 28.11 30.72
CA GLU B 365 -8.77 27.35 31.29
C GLU B 365 -8.35 26.73 32.63
N GLY B 366 -7.06 26.65 32.87
CA GLY B 366 -6.53 26.10 34.10
C GLY B 366 -6.36 24.59 34.02
N ILE B 367 -6.38 24.07 32.79
CA ILE B 367 -6.23 22.65 32.56
C ILE B 367 -4.79 22.19 32.81
N ILE B 368 -3.83 23.00 32.35
CA ILE B 368 -2.42 22.70 32.56
C ILE B 368 -2.06 22.70 34.05
N ASP B 369 -2.62 23.67 34.78
CA ASP B 369 -2.36 23.79 36.21
C ASP B 369 -2.77 22.52 36.95
N ILE B 370 -3.87 21.91 36.51
CA ILE B 370 -4.35 20.66 37.09
C ILE B 370 -3.33 19.55 36.88
N PHE B 371 -2.76 19.50 35.68
CA PHE B 371 -1.79 18.45 35.33
C PHE B 371 -0.50 18.58 36.11
N VAL B 372 0.10 19.76 36.11
CA VAL B 372 1.37 19.99 36.76
C VAL B 372 1.28 19.75 38.27
N LYS B 373 0.19 20.20 38.87
CA LYS B 373 -0.04 19.97 40.30
C LYS B 373 -0.15 18.48 40.59
N ALA B 374 -0.64 17.73 39.62
CA ALA B 374 -0.79 16.29 39.76
C ALA B 374 0.55 15.58 39.55
N GLY B 375 1.57 16.34 39.14
CA GLY B 375 2.88 15.79 38.94
C GLY B 375 3.09 15.26 37.54
N ALA B 376 2.31 15.77 36.60
CA ALA B 376 2.39 15.35 35.21
C ALA B 376 3.52 16.08 34.47
N MET B 377 4.23 15.34 33.63
CA MET B 377 5.29 15.93 32.82
C MET B 377 4.75 16.49 31.52
N ILE B 378 4.97 17.78 31.29
CA ILE B 378 4.45 18.44 30.11
C ILE B 378 5.53 18.67 29.06
N CYS B 379 5.24 18.28 27.82
CA CYS B 379 6.17 18.48 26.71
C CYS B 379 5.54 19.37 25.65
N THR B 380 6.39 19.98 24.83
CA THR B 380 5.94 20.85 23.74
C THR B 380 5.06 20.08 22.75
N PRO B 381 4.03 20.74 22.22
CA PRO B 381 3.07 20.15 21.28
C PRO B 381 3.74 19.45 20.11
N GLY B 382 3.68 18.12 20.12
CA GLY B 382 4.25 17.30 19.06
C GLY B 382 3.66 15.91 19.07
N CYS B 383 4.27 15.00 18.33
CA CYS B 383 3.77 13.63 18.23
C CYS B 383 4.24 12.75 19.40
N GLY B 384 4.76 13.39 20.44
CA GLY B 384 5.16 12.70 21.65
C GLY B 384 6.07 11.51 21.44
N PRO B 385 5.88 10.45 22.24
CA PRO B 385 6.61 9.20 22.12
C PRO B 385 5.78 8.11 21.43
N CYS B 386 4.77 8.51 20.66
CA CYS B 386 3.92 7.55 19.98
C CYS B 386 4.67 6.79 18.90
N LEU B 387 5.73 7.40 18.38
CA LEU B 387 6.65 6.72 17.48
C LEU B 387 7.92 6.33 18.21
N GLY B 388 9.05 6.38 17.50
CA GLY B 388 10.38 6.05 18.03
C GLY B 388 10.58 6.09 19.53
N ALA B 389 10.82 7.27 20.11
CA ALA B 389 10.95 8.54 19.40
C ALA B 389 11.70 9.49 20.31
N HIS B 390 12.15 8.94 21.45
CA HIS B 390 12.59 9.72 22.60
C HIS B 390 11.37 10.41 23.23
N GLN B 391 11.63 11.28 24.22
CA GLN B 391 10.56 11.99 24.92
C GLN B 391 9.53 11.07 25.59
N GLY B 392 9.98 9.91 26.04
CA GLY B 392 9.10 8.97 26.73
C GLY B 392 9.29 7.53 26.32
N VAL B 393 10.53 7.06 26.38
CA VAL B 393 10.86 5.70 25.96
C VAL B 393 10.62 4.69 27.09
N LEU B 394 10.05 3.54 26.74
CA LEU B 394 9.82 2.48 27.69
C LEU B 394 11.01 1.53 27.79
N ALA B 395 11.29 1.05 28.99
CA ALA B 395 12.35 0.08 29.19
C ALA B 395 11.80 -1.33 29.03
N GLU B 396 12.67 -2.33 29.16
CA GLU B 396 12.26 -3.71 29.02
C GLU B 396 11.31 -4.14 30.14
N GLY B 397 10.03 -4.29 29.80
CA GLY B 397 9.05 -4.76 30.76
C GLY B 397 8.03 -3.71 31.17
N GLU B 398 8.31 -2.45 30.83
CA GLU B 398 7.41 -1.36 31.20
C GLU B 398 6.09 -1.42 30.41
N ILE B 399 5.00 -1.15 31.11
CA ILE B 399 3.68 -1.11 30.48
C ILE B 399 3.18 0.33 30.39
N CYS B 400 2.81 0.75 29.18
CA CYS B 400 2.30 2.10 28.99
C CYS B 400 0.85 2.13 28.53
N LEU B 401 0.02 2.85 29.25
CA LEU B 401 -1.35 3.09 28.84
C LEU B 401 -1.39 4.39 28.05
N SER B 402 -1.23 4.28 26.73
CA SER B 402 -1.19 5.44 25.86
C SER B 402 -2.56 5.71 25.25
N THR B 403 -2.77 6.93 24.79
CA THR B 403 -4.02 7.31 24.15
C THR B 403 -3.82 7.49 22.66
N THR B 404 -2.66 7.05 22.16
CA THR B 404 -2.35 7.12 20.74
C THR B 404 -3.10 6.05 19.96
N ASN B 405 -2.62 5.75 18.76
CA ASN B 405 -3.32 4.82 17.88
C ASN B 405 -2.50 3.63 17.39
N ARG B 406 -1.43 3.29 18.12
CA ARG B 406 -0.58 2.18 17.71
C ARG B 406 -0.04 1.36 18.89
N ASN B 407 -0.23 0.04 18.82
CA ASN B 407 0.18 -0.86 19.89
C ASN B 407 1.29 -1.83 19.49
N PHE B 408 1.91 -1.56 18.33
CA PHE B 408 2.92 -2.47 17.77
C PHE B 408 4.04 -2.78 18.77
N LYS B 409 4.48 -4.04 18.77
CA LYS B 409 5.45 -4.52 19.75
C LYS B 409 6.77 -3.76 19.70
N GLY B 410 7.09 -3.09 20.81
CA GLY B 410 8.33 -2.36 20.93
C GLY B 410 8.35 -1.06 20.14
N ARG B 411 7.19 -0.41 20.04
CA ARG B 411 7.09 0.83 19.28
C ARG B 411 7.46 2.03 20.14
N MET B 412 7.16 1.95 21.43
CA MET B 412 7.43 3.07 22.33
C MET B 412 8.73 2.85 23.10
N GLY B 413 9.54 1.90 22.63
CA GLY B 413 10.83 1.66 23.24
C GLY B 413 11.34 0.24 23.07
N HIS B 414 11.64 -0.40 24.18
CA HIS B 414 12.20 -1.75 24.18
C HIS B 414 11.24 -2.74 23.53
N ILE B 415 11.80 -3.75 22.86
CA ILE B 415 10.99 -4.74 22.15
C ILE B 415 10.12 -5.55 23.13
N ASN B 416 10.55 -5.61 24.39
CA ASN B 416 9.79 -6.34 25.41
C ASN B 416 9.02 -5.40 26.33
N SER B 417 8.55 -4.29 25.76
CA SER B 417 7.69 -3.36 26.50
C SER B 417 6.25 -3.57 26.05
N TYR B 418 5.30 -3.01 26.79
CA TYR B 418 3.90 -3.21 26.50
C TYR B 418 3.11 -1.90 26.41
N ILE B 419 2.24 -1.80 25.42
CA ILE B 419 1.44 -0.61 25.20
C ILE B 419 -0.06 -0.92 25.18
N TYR B 420 -0.81 -0.22 26.00
CA TYR B 420 -2.27 -0.33 26.01
C TYR B 420 -2.90 0.96 25.52
N LEU B 421 -4.01 0.85 24.78
CA LEU B 421 -4.70 2.03 24.27
C LEU B 421 -6.05 2.22 24.94
N ALA B 422 -6.33 3.45 25.35
CA ALA B 422 -7.59 3.77 26.02
C ALA B 422 -7.89 5.26 25.93
N SER B 423 -9.12 5.63 26.28
CA SER B 423 -9.56 7.03 26.24
C SER B 423 -8.79 7.87 27.26
N PRO B 424 -8.73 9.19 27.05
CA PRO B 424 -8.11 10.10 28.01
C PRO B 424 -8.76 10.00 29.39
N LYS B 425 -10.03 9.63 29.43
CA LYS B 425 -10.73 9.45 30.70
C LYS B 425 -10.11 8.31 31.49
N ILE B 426 -9.98 7.16 30.86
CA ILE B 426 -9.39 5.99 31.50
C ILE B 426 -7.94 6.24 31.85
N ALA B 427 -7.21 6.90 30.96
CA ALA B 427 -5.80 7.21 31.17
C ALA B 427 -5.60 8.12 32.37
N ALA B 428 -6.51 9.07 32.55
CA ALA B 428 -6.44 10.00 33.67
C ALA B 428 -6.72 9.30 34.99
N ILE B 429 -7.73 8.44 35.00
CA ILE B 429 -8.11 7.72 36.20
C ILE B 429 -7.06 6.66 36.57
N SER B 430 -6.52 5.99 35.56
CA SER B 430 -5.52 4.96 35.78
C SER B 430 -4.22 5.52 36.32
N ALA B 431 -3.90 6.76 35.93
CA ALA B 431 -2.68 7.42 36.38
C ALA B 431 -2.72 7.65 37.89
N VAL B 432 -3.91 7.95 38.39
CA VAL B 432 -4.11 8.18 39.83
C VAL B 432 -4.03 6.86 40.60
N LYS B 433 -4.82 5.89 40.16
CA LYS B 433 -4.90 4.59 40.83
C LYS B 433 -3.62 3.79 40.70
N GLY B 434 -2.95 3.93 39.55
CA GLY B 434 -1.72 3.19 39.30
C GLY B 434 -1.98 1.95 38.47
N TYR B 435 -3.26 1.63 38.29
CA TYR B 435 -3.65 0.47 37.50
C TYR B 435 -4.80 0.84 36.56
N ILE B 436 -4.96 0.08 35.50
CA ILE B 436 -6.06 0.30 34.56
C ILE B 436 -7.39 0.11 35.26
N THR B 437 -8.18 1.17 35.32
CA THR B 437 -9.44 1.13 36.05
C THR B 437 -10.51 2.02 35.45
N ASN B 438 -11.72 1.92 36.01
CA ASN B 438 -12.84 2.72 35.55
C ASN B 438 -13.37 3.60 36.67
N LYS B 439 -12.95 3.29 37.89
CA LYS B 439 -13.38 4.03 39.08
C LYS B 439 -12.18 4.51 39.89
#